data_3QND
#
_entry.id   3QND
#
_cell.length_a   105.190
_cell.length_b   108.645
_cell.length_c   112.511
_cell.angle_alpha   90.00
_cell.angle_beta   90.00
_cell.angle_gamma   90.00
#
_symmetry.space_group_name_H-M   'P 21 21 21'
#
loop_
_entity.id
_entity.type
_entity.pdbx_description
1 polymer 'Fiber protein'
2 non-polymer 'ZINC ION'
3 non-polymer 'N-acetyl-alpha-neuraminic acid'
4 water water
#
_entity_poly.entity_id   1
_entity_poly.type   'polypeptide(L)'
_entity_poly.pdbx_seq_one_letter_code
;GAMGSWNPKYDTRTLWTTPDTSPNCTIAQDKDSKLTLVLTKCGSQILANVSLIVVAGKYHIINNKTNPKIKSFTIKLLFN
KNGVLLDNSNLGKAYWNFRSGNSNVSTAYEKAIGFMPNLVAYPKPSNSKKYARDIVYGTIYLGGKPDQPAVIKTTFNQET
GCEYSITFNFSWSKTYENVEFETTSFTFSYIAQE
;
_entity_poly.pdbx_strand_id   A,B,C,E,F,G
#
loop_
_chem_comp.id
_chem_comp.type
_chem_comp.name
_chem_comp.formula
SIA D-saccharide, alpha linking 'N-acetyl-alpha-neuraminic acid' 'C11 H19 N O9'
ZN non-polymer 'ZINC ION' 'Zn 2'
#
# COMPACT_ATOMS: atom_id res chain seq x y z
N ASP A 11 -2.74 -40.22 -22.97
CA ASP A 11 -4.16 -40.31 -22.50
C ASP A 11 -4.28 -40.05 -21.01
N THR A 12 -3.38 -40.66 -20.23
CA THR A 12 -3.31 -40.45 -18.78
C THR A 12 -1.85 -40.45 -18.31
N ARG A 13 -0.94 -40.30 -19.28
CA ARG A 13 0.49 -40.34 -19.03
C ARG A 13 1.07 -38.98 -18.65
N THR A 14 2.36 -38.96 -18.34
CA THR A 14 3.06 -37.75 -17.94
C THR A 14 4.15 -37.38 -18.94
N LEU A 15 4.08 -36.16 -19.46
CA LEU A 15 5.10 -35.60 -20.33
C LEU A 15 5.92 -34.61 -19.52
N TRP A 16 7.22 -34.91 -19.34
CA TRP A 16 8.05 -34.12 -18.42
C TRP A 16 9.50 -33.91 -18.87
N THR A 17 10.26 -33.22 -18.03
CA THR A 17 11.65 -32.86 -18.30
C THR A 17 12.65 -33.71 -17.53
N THR A 18 12.14 -34.71 -16.80
CA THR A 18 12.89 -35.42 -15.74
C THR A 18 13.10 -34.50 -14.53
N PRO A 19 13.02 -35.05 -13.31
CA PRO A 19 13.09 -34.22 -12.12
C PRO A 19 14.50 -34.06 -11.53
N ASP A 20 15.54 -34.24 -12.36
CA ASP A 20 16.92 -34.07 -11.88
C ASP A 20 17.34 -32.60 -11.91
N THR A 21 18.58 -32.34 -11.53
CA THR A 21 19.11 -30.97 -11.50
C THR A 21 20.03 -30.70 -12.69
N SER A 22 20.04 -31.62 -13.64
CA SER A 22 20.89 -31.52 -14.83
C SER A 22 20.34 -30.51 -15.82
N PRO A 23 21.07 -29.40 -16.05
CA PRO A 23 20.64 -28.30 -16.93
C PRO A 23 20.10 -28.79 -18.28
N ASN A 24 18.95 -28.26 -18.68
CA ASN A 24 18.28 -28.69 -19.90
C ASN A 24 17.70 -27.54 -20.71
N CYS A 25 18.12 -26.32 -20.38
CA CYS A 25 17.46 -25.11 -20.88
C CYS A 25 18.44 -23.98 -21.14
N THR A 26 18.15 -23.19 -22.17
CA THR A 26 19.01 -22.09 -22.60
C THR A 26 18.25 -20.77 -22.53
N ILE A 27 18.66 -19.89 -21.62
CA ILE A 27 18.03 -18.57 -21.47
C ILE A 27 18.87 -17.49 -22.15
N ALA A 28 20.07 -17.26 -21.64
CA ALA A 28 20.99 -16.27 -22.20
C ALA A 28 22.15 -16.95 -22.92
N GLN A 29 22.71 -17.97 -22.27
CA GLN A 29 23.75 -18.82 -22.87
C GLN A 29 23.35 -20.30 -22.80
N ASP A 30 24.14 -21.15 -23.44
CA ASP A 30 23.83 -22.58 -23.58
C ASP A 30 23.82 -23.34 -22.24
N LYS A 31 22.73 -24.07 -22.02
CA LYS A 31 22.52 -24.90 -20.81
C LYS A 31 22.84 -24.16 -19.50
N ASP A 32 22.26 -22.98 -19.34
CA ASP A 32 22.48 -22.16 -18.15
C ASP A 32 21.42 -22.40 -17.07
N SER A 33 20.46 -23.29 -17.35
CA SER A 33 19.33 -23.49 -16.45
C SER A 33 18.67 -24.88 -16.54
N LYS A 34 18.06 -25.28 -15.44
CA LYS A 34 17.20 -26.46 -15.39
C LYS A 34 15.75 -26.03 -15.19
N LEU A 35 14.94 -26.26 -16.21
CA LEU A 35 13.50 -26.03 -16.12
C LEU A 35 12.80 -27.36 -15.84
N THR A 36 12.30 -27.52 -14.62
CA THR A 36 11.53 -28.70 -14.28
C THR A 36 10.06 -28.47 -14.59
N LEU A 37 9.56 -29.14 -15.62
CA LEU A 37 8.16 -29.03 -16.04
C LEU A 37 7.54 -30.41 -16.16
N VAL A 38 6.39 -30.58 -15.53
CA VAL A 38 5.68 -31.86 -15.51
C VAL A 38 4.24 -31.64 -16.00
N LEU A 39 3.92 -32.22 -17.15
CA LEU A 39 2.59 -32.11 -17.73
C LEU A 39 1.87 -33.44 -17.64
N THR A 40 0.76 -33.46 -16.89
CA THR A 40 -0.02 -34.67 -16.69
C THR A 40 -1.44 -34.50 -17.24
N LYS A 41 -1.84 -35.45 -18.08
CA LYS A 41 -3.14 -35.40 -18.73
C LYS A 41 -4.25 -35.98 -17.87
N CYS A 42 -5.17 -35.10 -17.46
CA CYS A 42 -6.41 -35.50 -16.81
C CYS A 42 -7.56 -35.07 -17.71
N GLY A 43 -7.97 -35.96 -18.61
CA GLY A 43 -9.05 -35.68 -19.54
C GLY A 43 -8.80 -34.44 -20.40
N SER A 44 -9.75 -33.50 -20.33
CA SER A 44 -9.73 -32.30 -21.15
C SER A 44 -8.79 -31.20 -20.61
N GLN A 45 -8.25 -31.41 -19.42
CA GLN A 45 -7.32 -30.46 -18.81
C GLN A 45 -5.95 -31.09 -18.59
N ILE A 46 -4.91 -30.26 -18.67
CA ILE A 46 -3.54 -30.69 -18.38
C ILE A 46 -3.08 -30.08 -17.06
N LEU A 47 -2.76 -30.93 -16.09
CA LEU A 47 -2.22 -30.47 -14.80
C LEU A 47 -0.72 -30.24 -14.92
N ALA A 48 -0.30 -28.99 -14.67
CA ALA A 48 1.07 -28.59 -14.87
C ALA A 48 1.77 -28.14 -13.58
N ASN A 49 3.00 -28.61 -13.39
CA ASN A 49 3.83 -28.26 -12.25
C ASN A 49 5.19 -27.80 -12.76
N VAL A 50 5.60 -26.59 -12.34
CA VAL A 50 6.79 -25.95 -12.90
C VAL A 50 7.68 -25.29 -11.83
N SER A 51 8.99 -25.36 -12.06
CA SER A 51 9.98 -24.64 -11.26
C SER A 51 11.21 -24.37 -12.12
N LEU A 52 12.07 -23.47 -11.67
CA LEU A 52 13.28 -23.12 -12.42
C LEU A 52 14.50 -22.96 -11.53
N ILE A 53 15.61 -23.54 -11.99
CA ILE A 53 16.91 -23.34 -11.38
C ILE A 53 17.85 -22.79 -12.44
N VAL A 54 18.38 -21.59 -12.22
CA VAL A 54 19.42 -21.04 -13.09
C VAL A 54 20.77 -21.29 -12.41
N VAL A 55 21.67 -21.95 -13.13
CA VAL A 55 22.97 -22.36 -12.57
C VAL A 55 24.16 -21.54 -13.05
N ALA A 56 23.97 -20.80 -14.14
CA ALA A 56 25.06 -20.03 -14.75
C ALA A 56 24.55 -18.84 -15.58
N GLY A 57 25.48 -17.95 -15.92
CA GLY A 57 25.21 -16.85 -16.84
C GLY A 57 24.58 -15.63 -16.24
N LYS A 58 23.98 -14.83 -17.13
CA LYS A 58 23.37 -13.53 -16.84
C LYS A 58 22.35 -13.53 -15.70
N TYR A 59 21.53 -14.58 -15.63
CA TYR A 59 20.42 -14.62 -14.68
C TYR A 59 20.64 -15.54 -13.48
N HIS A 60 21.88 -16.00 -13.31
CA HIS A 60 22.22 -16.90 -12.20
C HIS A 60 22.16 -16.18 -10.86
N ILE A 61 22.96 -15.14 -10.71
CA ILE A 61 22.99 -14.33 -9.49
C ILE A 61 22.46 -12.94 -9.80
N ILE A 62 21.25 -12.66 -9.33
CA ILE A 62 20.59 -11.38 -9.58
C ILE A 62 21.15 -10.30 -8.66
N ASN A 63 21.54 -9.17 -9.26
CA ASN A 63 21.98 -8.00 -8.52
C ASN A 63 21.47 -6.72 -9.19
N ASN A 64 20.38 -6.18 -8.63
CA ASN A 64 19.73 -4.99 -9.20
C ASN A 64 20.30 -3.66 -8.74
N LYS A 65 21.32 -3.71 -7.88
CA LYS A 65 22.09 -2.51 -7.53
C LYS A 65 23.15 -2.24 -8.59
N THR A 66 23.85 -3.30 -9.01
CA THR A 66 24.83 -3.21 -10.07
C THR A 66 24.18 -3.28 -11.45
N ASN A 67 23.19 -4.16 -11.59
CA ASN A 67 22.47 -4.32 -12.87
C ASN A 67 20.96 -4.08 -12.71
N PRO A 68 20.54 -2.81 -12.77
CA PRO A 68 19.15 -2.43 -12.46
C PRO A 68 18.14 -2.74 -13.57
N LYS A 69 18.63 -3.07 -14.77
CA LYS A 69 17.76 -3.31 -15.92
C LYS A 69 17.48 -4.79 -16.18
N ILE A 70 18.15 -5.67 -15.42
CA ILE A 70 17.89 -7.10 -15.47
C ILE A 70 16.69 -7.38 -14.56
N LYS A 71 15.50 -7.41 -15.15
CA LYS A 71 14.25 -7.52 -14.40
C LYS A 71 13.32 -8.64 -14.89
N SER A 72 13.55 -9.12 -16.11
CA SER A 72 12.70 -10.16 -16.69
C SER A 72 13.41 -10.99 -17.77
N PHE A 73 12.91 -12.21 -17.97
CA PHE A 73 13.34 -13.09 -19.05
C PHE A 73 12.23 -14.07 -19.42
N THR A 74 12.34 -14.66 -20.61
CA THR A 74 11.30 -15.56 -21.12
C THR A 74 11.87 -16.89 -21.57
N ILE A 75 11.17 -17.97 -21.21
CA ILE A 75 11.49 -19.32 -21.70
C ILE A 75 10.34 -19.78 -22.60
N LYS A 76 10.68 -20.11 -23.85
CA LYS A 76 9.69 -20.48 -24.85
C LYS A 76 9.74 -21.97 -25.19
N LEU A 77 8.56 -22.60 -25.20
CA LEU A 77 8.41 -23.96 -25.68
C LEU A 77 7.49 -23.94 -26.91
N LEU A 78 8.07 -24.23 -28.07
CA LEU A 78 7.35 -24.18 -29.34
C LEU A 78 7.10 -25.59 -29.87
N PHE A 79 5.89 -25.83 -30.34
CA PHE A 79 5.46 -27.15 -30.79
C PHE A 79 4.87 -27.13 -32.21
N ASN A 80 5.08 -28.21 -32.95
CA ASN A 80 4.49 -28.36 -34.28
C ASN A 80 3.08 -28.96 -34.23
N LYS A 81 2.55 -29.34 -35.39
CA LYS A 81 1.19 -29.87 -35.52
C LYS A 81 0.94 -31.18 -34.78
N ASN A 82 2.00 -31.93 -34.51
CA ASN A 82 1.91 -33.20 -33.79
C ASN A 82 2.25 -33.10 -32.31
N GLY A 83 2.70 -31.92 -31.89
CA GLY A 83 3.03 -31.66 -30.48
C GLY A 83 4.46 -31.97 -30.11
N VAL A 84 5.31 -32.09 -31.12
CA VAL A 84 6.74 -32.31 -30.92
C VAL A 84 7.42 -30.97 -30.65
N LEU A 85 8.33 -30.94 -29.68
CA LEU A 85 9.07 -29.73 -29.32
C LEU A 85 10.01 -29.33 -30.46
N LEU A 86 9.87 -28.07 -30.90
CA LEU A 86 10.70 -27.54 -31.98
C LEU A 86 12.09 -27.18 -31.49
N ASP A 87 13.06 -27.25 -32.40
CA ASP A 87 14.48 -27.12 -32.07
C ASP A 87 14.86 -25.74 -31.53
N ASN A 88 14.13 -24.71 -31.95
CA ASN A 88 14.40 -23.33 -31.55
C ASN A 88 13.78 -22.91 -30.20
N SER A 89 13.19 -23.87 -29.51
CA SER A 89 12.69 -23.65 -28.15
C SER A 89 13.87 -23.48 -27.18
N ASN A 90 13.63 -22.76 -26.09
CA ASN A 90 14.64 -22.59 -25.05
C ASN A 90 14.98 -23.90 -24.34
N LEU A 91 13.96 -24.75 -24.18
CA LEU A 91 14.14 -26.08 -23.61
C LEU A 91 14.72 -27.04 -24.64
N GLY A 92 15.74 -27.80 -24.21
CA GLY A 92 16.39 -28.79 -25.07
C GLY A 92 15.51 -30.01 -25.32
N LYS A 93 15.56 -30.52 -26.55
CA LYS A 93 14.76 -31.69 -26.97
C LYS A 93 15.21 -33.00 -26.33
N ALA A 94 16.44 -33.00 -25.80
CA ALA A 94 17.08 -34.21 -25.27
C ALA A 94 16.22 -35.01 -24.28
N TYR A 95 15.77 -34.37 -23.20
CA TYR A 95 15.03 -35.07 -22.16
C TYR A 95 13.61 -34.55 -21.92
N TRP A 96 12.96 -34.14 -23.00
CA TRP A 96 11.54 -33.78 -22.99
C TRP A 96 10.76 -34.94 -23.61
N ASN A 97 10.25 -35.82 -22.76
CA ASN A 97 9.61 -37.06 -23.19
C ASN A 97 8.65 -37.61 -22.14
N PHE A 98 7.96 -38.71 -22.48
CA PHE A 98 7.06 -39.39 -21.55
C PHE A 98 7.82 -40.13 -20.44
N ARG A 99 7.23 -40.18 -19.26
CA ARG A 99 7.85 -40.83 -18.09
C ARG A 99 7.85 -42.35 -18.22
N SER A 100 8.98 -42.96 -17.84
CA SER A 100 9.13 -44.42 -17.86
C SER A 100 9.39 -44.98 -16.46
N GLY A 101 9.78 -44.11 -15.53
CA GLY A 101 10.06 -44.50 -14.14
C GLY A 101 10.52 -43.29 -13.36
N ASN A 102 11.82 -43.01 -13.44
CA ASN A 102 12.38 -41.74 -12.95
C ASN A 102 13.07 -40.99 -14.09
N SER A 103 13.08 -41.62 -15.26
CA SER A 103 13.60 -41.02 -16.49
C SER A 103 12.56 -41.14 -17.61
N ASN A 104 13.03 -41.28 -18.84
CA ASN A 104 12.15 -41.35 -20.01
C ASN A 104 12.28 -42.67 -20.76
N VAL A 105 11.30 -42.95 -21.63
CA VAL A 105 11.38 -44.08 -22.56
C VAL A 105 12.53 -43.89 -23.55
N SER A 106 12.97 -44.99 -24.16
CA SER A 106 14.10 -44.97 -25.09
C SER A 106 13.82 -44.17 -26.37
N THR A 107 12.57 -44.19 -26.81
CA THR A 107 12.17 -43.55 -28.06
C THR A 107 11.53 -42.18 -27.84
N ALA A 108 11.98 -41.19 -28.61
CA ALA A 108 11.35 -39.87 -28.62
C ALA A 108 9.96 -39.96 -29.22
N TYR A 109 8.99 -39.29 -28.59
CA TYR A 109 7.58 -39.44 -28.94
C TYR A 109 7.23 -38.89 -30.33
N GLU A 110 6.28 -39.56 -30.97
CA GLU A 110 5.78 -39.16 -32.30
C GLU A 110 4.70 -38.09 -32.15
N LYS A 111 3.75 -38.34 -31.26
CA LYS A 111 2.59 -37.46 -31.08
C LYS A 111 2.29 -37.14 -29.61
N ALA A 112 1.86 -35.91 -29.37
CA ALA A 112 1.43 -35.45 -28.04
C ALA A 112 0.37 -34.36 -28.16
N ILE A 113 -0.55 -34.52 -29.11
CA ILE A 113 -1.60 -33.55 -29.39
C ILE A 113 -2.54 -33.35 -28.20
N GLY A 114 -2.73 -34.40 -27.41
CA GLY A 114 -3.56 -34.35 -26.21
C GLY A 114 -3.00 -33.48 -25.11
N PHE A 115 -1.72 -33.12 -25.21
CA PHE A 115 -1.04 -32.32 -24.20
C PHE A 115 -0.86 -30.86 -24.62
N MET A 116 -1.33 -30.52 -25.82
CA MET A 116 -1.20 -29.17 -26.37
CA MET A 116 -1.20 -29.17 -26.37
C MET A 116 -2.35 -28.27 -25.91
N PRO A 117 -2.09 -26.94 -25.79
CA PRO A 117 -3.19 -26.05 -25.40
C PRO A 117 -4.24 -25.90 -26.50
N ASN A 118 -5.50 -25.81 -26.08
CA ASN A 118 -6.64 -25.74 -26.98
C ASN A 118 -6.66 -24.44 -27.81
N LEU A 119 -6.69 -24.59 -29.13
CA LEU A 119 -6.64 -23.44 -30.04
C LEU A 119 -7.90 -22.58 -30.02
N VAL A 120 -9.05 -23.21 -29.75
CA VAL A 120 -10.32 -22.48 -29.65
C VAL A 120 -10.31 -21.59 -28.40
N ALA A 121 -9.84 -22.16 -27.29
CA ALA A 121 -9.69 -21.42 -26.03
C ALA A 121 -8.55 -20.41 -26.09
N TYR A 122 -7.41 -20.84 -26.64
CA TYR A 122 -6.24 -19.99 -26.75
C TYR A 122 -5.81 -19.83 -28.22
N PRO A 123 -6.41 -18.87 -28.93
CA PRO A 123 -6.13 -18.70 -30.36
C PRO A 123 -4.80 -17.98 -30.65
N LYS A 124 -4.23 -18.25 -31.82
CA LYS A 124 -3.03 -17.58 -32.28
C LYS A 124 -3.31 -16.09 -32.53
N PRO A 125 -2.27 -15.23 -32.49
CA PRO A 125 -2.47 -13.81 -32.78
C PRO A 125 -2.99 -13.58 -34.19
N SER A 126 -4.00 -12.73 -34.32
CA SER A 126 -4.66 -12.45 -35.60
C SER A 126 -5.37 -11.09 -35.58
N ASN A 127 -6.17 -10.83 -36.60
CA ASN A 127 -6.96 -9.59 -36.69
C ASN A 127 -8.07 -9.51 -35.65
N SER A 128 -8.49 -10.68 -35.14
CA SER A 128 -9.54 -10.77 -34.12
C SER A 128 -9.06 -10.29 -32.75
N LYS A 129 -10.02 -10.01 -31.88
CA LYS A 129 -9.76 -9.49 -30.54
C LYS A 129 -9.03 -10.51 -29.65
N LYS A 130 -7.88 -10.10 -29.12
CA LYS A 130 -7.07 -10.94 -28.25
C LYS A 130 -7.60 -10.88 -26.81
N TYR A 131 -7.93 -12.04 -26.26
CA TYR A 131 -8.42 -12.14 -24.88
C TYR A 131 -7.35 -12.59 -23.91
N ALA A 132 -7.54 -12.24 -22.63
CA ALA A 132 -6.54 -12.48 -21.58
C ALA A 132 -6.53 -13.90 -21.02
N ARG A 133 -7.58 -14.68 -21.34
CA ARG A 133 -7.73 -16.03 -20.77
C ARG A 133 -6.65 -17.03 -21.21
N ASP A 134 -5.81 -16.64 -22.17
CA ASP A 134 -4.67 -17.45 -22.59
C ASP A 134 -3.45 -17.25 -21.69
N ILE A 135 -3.61 -16.39 -20.69
CA ILE A 135 -2.57 -16.11 -19.71
C ILE A 135 -2.95 -16.71 -18.36
N VAL A 136 -1.96 -17.23 -17.65
CA VAL A 136 -2.12 -17.61 -16.24
C VAL A 136 -1.00 -16.96 -15.43
N TYR A 137 -1.38 -16.24 -14.37
CA TYR A 137 -0.40 -15.63 -13.48
C TYR A 137 -0.17 -16.46 -12.22
N GLY A 138 1.06 -16.44 -11.74
CA GLY A 138 1.45 -17.11 -10.51
C GLY A 138 2.65 -16.45 -9.88
N THR A 139 2.83 -16.67 -8.58
CA THR A 139 3.96 -16.11 -7.85
C THR A 139 4.80 -17.22 -7.25
N ILE A 140 6.07 -17.27 -7.64
CA ILE A 140 7.05 -18.15 -7.03
C ILE A 140 8.08 -17.34 -6.26
N TYR A 141 8.90 -18.03 -5.46
CA TYR A 141 9.80 -17.35 -4.53
C TYR A 141 11.23 -17.85 -4.65
N LEU A 142 12.16 -16.89 -4.75
CA LEU A 142 13.58 -17.18 -4.94
C LEU A 142 14.23 -17.61 -3.63
N GLY A 143 14.95 -18.74 -3.68
CA GLY A 143 15.59 -19.30 -2.50
C GLY A 143 14.62 -19.86 -1.47
N GLY A 144 13.35 -19.93 -1.84
CA GLY A 144 12.29 -20.37 -0.94
C GLY A 144 11.95 -19.34 0.11
N LYS A 145 12.45 -18.12 -0.07
CA LYS A 145 12.22 -17.04 0.89
C LYS A 145 10.92 -16.31 0.60
N PRO A 146 10.05 -16.17 1.63
CA PRO A 146 8.72 -15.57 1.46
C PRO A 146 8.75 -14.10 1.03
N ASP A 147 9.84 -13.40 1.37
CA ASP A 147 9.98 -11.98 1.02
C ASP A 147 10.76 -11.76 -0.29
N GLN A 148 10.91 -12.83 -1.08
CA GLN A 148 11.59 -12.72 -2.37
C GLN A 148 10.73 -13.26 -3.53
N PRO A 149 9.56 -12.63 -3.78
CA PRO A 149 8.66 -13.09 -4.83
C PRO A 149 9.12 -12.74 -6.24
N ALA A 150 8.74 -13.59 -7.18
CA ALA A 150 8.88 -13.29 -8.61
C ALA A 150 7.63 -13.78 -9.33
N VAL A 151 7.19 -13.01 -10.30
CA VAL A 151 6.00 -13.34 -11.08
C VAL A 151 6.33 -14.32 -12.20
N ILE A 152 5.58 -15.41 -12.26
CA ILE A 152 5.59 -16.29 -13.43
C ILE A 152 4.31 -16.10 -14.26
N LYS A 153 4.51 -15.58 -15.47
CA LYS A 153 3.42 -15.37 -16.42
C LYS A 153 3.50 -16.45 -17.50
N THR A 154 2.48 -17.29 -17.56
CA THR A 154 2.40 -18.36 -18.54
C THR A 154 1.37 -18.02 -19.62
N THR A 155 1.82 -18.03 -20.87
CA THR A 155 0.96 -17.72 -21.99
C THR A 155 0.85 -18.91 -22.94
N PHE A 156 -0.35 -19.15 -23.45
CA PHE A 156 -0.60 -20.26 -24.36
C PHE A 156 -0.90 -19.78 -25.78
N ASN A 157 -0.17 -20.34 -26.74
CA ASN A 157 -0.37 -20.11 -28.18
C ASN A 157 -0.35 -18.64 -28.62
N GLN A 158 0.73 -17.95 -28.28
CA GLN A 158 0.90 -16.56 -28.68
C GLN A 158 2.18 -16.29 -29.46
N GLU A 159 2.93 -17.36 -29.74
CA GLU A 159 4.15 -17.27 -30.54
C GLU A 159 3.88 -17.57 -32.01
N THR A 160 4.73 -17.03 -32.88
CA THR A 160 4.66 -17.29 -34.32
C THR A 160 5.74 -18.30 -34.72
N GLY A 161 5.50 -19.00 -35.82
CA GLY A 161 6.42 -20.03 -36.30
C GLY A 161 6.24 -21.37 -35.60
N CYS A 162 5.01 -21.65 -35.20
CA CYS A 162 4.64 -22.90 -34.53
C CYS A 162 3.12 -23.10 -34.60
N GLU A 163 2.67 -24.29 -34.21
CA GLU A 163 1.25 -24.59 -34.14
C GLU A 163 0.71 -24.44 -32.71
N TYR A 164 1.55 -24.74 -31.73
CA TYR A 164 1.19 -24.61 -30.32
C TYR A 164 2.39 -24.09 -29.53
N SER A 165 2.14 -23.24 -28.54
CA SER A 165 3.22 -22.70 -27.72
C SER A 165 2.85 -22.51 -26.24
N ILE A 166 3.80 -22.83 -25.37
CA ILE A 166 3.73 -22.51 -23.95
C ILE A 166 4.96 -21.68 -23.61
N THR A 167 4.73 -20.46 -23.12
CA THR A 167 5.83 -19.55 -22.79
C THR A 167 5.77 -19.09 -21.33
N PHE A 168 6.93 -19.09 -20.69
CA PHE A 168 7.07 -18.67 -19.30
C PHE A 168 7.87 -17.37 -19.20
N ASN A 169 7.21 -16.30 -18.76
CA ASN A 169 7.88 -15.04 -18.47
C ASN A 169 8.11 -14.86 -16.97
N PHE A 170 9.38 -14.81 -16.58
CA PHE A 170 9.77 -14.55 -15.21
C PHE A 170 10.16 -13.08 -15.03
N SER A 171 9.45 -12.39 -14.15
CA SER A 171 9.74 -10.99 -13.85
C SER A 171 9.61 -10.68 -12.36
N TRP A 172 10.28 -9.62 -11.92
CA TRP A 172 10.22 -9.17 -10.54
C TRP A 172 10.32 -7.65 -10.46
N SER A 173 9.70 -7.07 -9.44
CA SER A 173 9.65 -5.62 -9.26
C SER A 173 10.49 -5.13 -8.09
N LYS A 174 11.06 -6.06 -7.33
CA LYS A 174 11.92 -5.74 -6.19
C LYS A 174 13.40 -5.64 -6.60
N THR A 175 14.15 -4.83 -5.85
CA THR A 175 15.58 -4.66 -6.08
C THR A 175 16.35 -5.72 -5.28
N TYR A 176 16.73 -6.81 -5.95
CA TYR A 176 17.44 -7.90 -5.30
C TYR A 176 18.96 -7.73 -5.38
N GLU A 177 19.64 -8.07 -4.29
CA GLU A 177 21.10 -7.91 -4.19
C GLU A 177 21.78 -9.24 -3.87
N ASN A 178 22.45 -9.80 -4.89
CA ASN A 178 23.10 -11.11 -4.80
C ASN A 178 22.16 -12.25 -4.40
N VAL A 179 21.09 -12.42 -5.19
CA VAL A 179 20.12 -13.49 -4.96
C VAL A 179 20.17 -14.51 -6.09
N GLU A 180 20.52 -15.74 -5.75
CA GLU A 180 20.57 -16.86 -6.69
C GLU A 180 19.16 -17.15 -7.23
N PHE A 181 19.03 -17.20 -8.55
CA PHE A 181 17.73 -17.43 -9.16
C PHE A 181 17.39 -18.91 -9.28
N GLU A 182 16.79 -19.43 -8.21
CA GLU A 182 16.22 -20.77 -8.20
C GLU A 182 14.94 -20.73 -7.39
N THR A 183 13.89 -21.34 -7.93
CA THR A 183 12.53 -21.02 -7.49
C THR A 183 11.79 -22.15 -6.79
N THR A 184 10.75 -21.76 -6.05
CA THR A 184 9.73 -22.69 -5.55
C THR A 184 8.87 -23.16 -6.72
N SER A 185 8.01 -24.16 -6.47
CA SER A 185 7.19 -24.74 -7.53
C SER A 185 5.80 -24.14 -7.60
N PHE A 186 5.24 -24.08 -8.81
CA PHE A 186 3.91 -23.55 -9.05
C PHE A 186 3.06 -24.53 -9.88
N THR A 187 1.79 -24.65 -9.50
CA THR A 187 0.84 -25.51 -10.20
C THR A 187 -0.27 -24.69 -10.86
N PHE A 188 -0.52 -25.01 -12.13
CA PHE A 188 -1.63 -24.44 -12.90
C PHE A 188 -2.20 -25.52 -13.81
N SER A 189 -3.22 -25.17 -14.59
CA SER A 189 -3.77 -26.08 -15.59
C SER A 189 -4.23 -25.31 -16.82
N TYR A 190 -4.52 -26.04 -17.89
CA TYR A 190 -5.06 -25.45 -19.12
C TYR A 190 -5.89 -26.47 -19.90
N ILE A 191 -6.80 -25.95 -20.74
CA ILE A 191 -7.65 -26.78 -21.59
C ILE A 191 -6.81 -27.40 -22.71
N ALA A 192 -6.98 -28.70 -22.89
CA ALA A 192 -6.25 -29.46 -23.90
C ALA A 192 -6.92 -29.41 -25.27
N GLN A 193 -6.15 -29.71 -26.32
CA GLN A 193 -6.64 -29.73 -27.69
C GLN A 193 -7.53 -30.95 -27.96
N GLU A 194 -7.09 -32.12 -27.48
CA GLU A 194 -7.84 -33.37 -27.65
C GLU A 194 -7.95 -34.13 -26.33
N TYR B 10 -14.35 -49.17 -2.93
CA TYR B 10 -12.92 -48.96 -2.51
C TYR B 10 -12.16 -48.17 -3.56
N ASP B 11 -11.63 -47.01 -3.14
CA ASP B 11 -10.91 -46.11 -4.03
C ASP B 11 -9.44 -45.98 -3.64
N THR B 12 -8.57 -46.58 -4.43
CA THR B 12 -7.12 -46.58 -4.17
C THR B 12 -6.40 -45.42 -4.88
N ARG B 13 -7.18 -44.54 -5.50
CA ARG B 13 -6.65 -43.36 -6.16
C ARG B 13 -6.73 -42.11 -5.27
N THR B 14 -7.17 -42.30 -4.03
CA THR B 14 -7.35 -41.20 -3.09
C THR B 14 -6.88 -41.51 -1.67
N LEU B 15 -5.92 -40.72 -1.19
CA LEU B 15 -5.50 -40.73 0.22
C LEU B 15 -6.00 -39.47 0.91
N TRP B 16 -6.86 -39.63 1.91
CA TRP B 16 -7.44 -38.48 2.59
C TRP B 16 -7.67 -38.68 4.09
N THR B 17 -8.03 -37.57 4.76
CA THR B 17 -8.34 -37.57 6.18
C THR B 17 -9.84 -37.75 6.42
N THR B 18 -10.58 -38.03 5.36
CA THR B 18 -12.06 -37.89 5.30
C THR B 18 -12.47 -36.40 5.41
N PRO B 19 -13.59 -36.02 4.77
CA PRO B 19 -13.94 -34.62 4.76
C PRO B 19 -14.87 -34.19 5.90
N ASP B 20 -14.88 -34.93 7.01
CA ASP B 20 -15.70 -34.55 8.17
C ASP B 20 -15.03 -33.43 8.97
N THR B 21 -15.57 -33.14 10.16
CA THR B 21 -15.03 -32.08 11.00
C THR B 21 -14.51 -32.61 12.34
N SER B 22 -14.23 -33.92 12.38
CA SER B 22 -13.72 -34.57 13.60
CA SER B 22 -13.72 -34.57 13.60
C SER B 22 -12.22 -34.31 13.79
N PRO B 23 -11.84 -33.66 14.91
CA PRO B 23 -10.42 -33.39 15.17
C PRO B 23 -9.52 -34.62 14.99
N ASN B 24 -8.44 -34.44 14.25
CA ASN B 24 -7.53 -35.53 13.91
C ASN B 24 -6.05 -35.15 14.05
N CYS B 25 -5.81 -33.89 14.43
CA CYS B 25 -4.48 -33.31 14.35
C CYS B 25 -4.09 -32.59 15.64
N THR B 26 -2.81 -32.73 16.01
CA THR B 26 -2.28 -32.16 17.23
C THR B 26 -1.20 -31.11 16.94
N ILE B 27 -1.53 -29.84 17.17
CA ILE B 27 -0.57 -28.76 16.97
C ILE B 27 0.10 -28.37 18.29
N ALA B 28 -0.71 -28.01 19.29
CA ALA B 28 -0.21 -27.63 20.61
C ALA B 28 -0.71 -28.58 21.70
N GLN B 29 -1.96 -28.99 21.60
CA GLN B 29 -2.55 -29.98 22.52
C GLN B 29 -3.33 -31.04 21.75
N ASP B 30 -3.56 -32.19 22.39
CA ASP B 30 -4.19 -33.36 21.75
C ASP B 30 -5.47 -33.03 20.96
N LYS B 31 -5.49 -33.44 19.70
CA LYS B 31 -6.63 -33.25 18.79
C LYS B 31 -7.25 -31.86 18.88
N ASP B 32 -6.42 -30.84 18.73
CA ASP B 32 -6.86 -29.45 18.82
C ASP B 32 -7.32 -28.88 17.48
N SER B 33 -7.26 -29.72 16.44
CA SER B 33 -7.53 -29.27 15.07
C SER B 33 -7.95 -30.39 14.13
N LYS B 34 -8.67 -30.01 13.08
CA LYS B 34 -8.98 -30.89 11.96
C LYS B 34 -8.23 -30.41 10.71
N LEU B 35 -7.26 -31.20 10.28
CA LEU B 35 -6.60 -30.98 9.01
C LEU B 35 -7.33 -31.80 7.95
N THR B 36 -7.99 -31.10 7.03
CA THR B 36 -8.61 -31.76 5.89
C THR B 36 -7.61 -31.75 4.75
N LEU B 37 -7.10 -32.94 4.42
CA LEU B 37 -6.16 -33.10 3.32
C LEU B 37 -6.60 -34.24 2.41
N VAL B 38 -6.72 -33.94 1.13
CA VAL B 38 -7.11 -34.94 0.14
C VAL B 38 -6.03 -35.04 -0.94
N LEU B 39 -5.46 -36.24 -1.07
CA LEU B 39 -4.45 -36.50 -2.08
C LEU B 39 -5.03 -37.40 -3.16
N THR B 40 -5.25 -36.83 -4.34
CA THR B 40 -5.76 -37.58 -5.48
C THR B 40 -4.63 -37.83 -6.48
N LYS B 41 -4.40 -39.10 -6.77
CA LYS B 41 -3.37 -39.49 -7.72
C LYS B 41 -3.87 -39.31 -9.15
N CYS B 42 -3.15 -38.47 -9.90
CA CYS B 42 -3.38 -38.30 -11.33
C CYS B 42 -2.08 -38.67 -12.04
N GLY B 43 -1.89 -39.97 -12.25
CA GLY B 43 -0.65 -40.49 -12.82
C GLY B 43 0.54 -40.19 -11.91
N SER B 44 1.51 -39.47 -12.44
CA SER B 44 2.73 -39.15 -11.70
C SER B 44 2.68 -37.81 -10.97
N GLN B 45 1.50 -37.19 -10.97
CA GLN B 45 1.24 -35.99 -10.18
C GLN B 45 0.17 -36.28 -9.15
N ILE B 46 0.37 -35.77 -7.93
CA ILE B 46 -0.63 -35.84 -6.88
C ILE B 46 -1.32 -34.48 -6.78
N LEU B 47 -2.62 -34.45 -7.05
CA LEU B 47 -3.42 -33.26 -6.85
C LEU B 47 -3.82 -33.22 -5.38
N ALA B 48 -3.47 -32.12 -4.71
CA ALA B 48 -3.68 -32.01 -3.27
C ALA B 48 -4.60 -30.84 -2.90
N ASN B 49 -5.46 -31.08 -1.93
CA ASN B 49 -6.39 -30.07 -1.44
C ASN B 49 -6.33 -30.01 0.08
N VAL B 50 -6.11 -28.81 0.62
CA VAL B 50 -5.86 -28.65 2.05
C VAL B 50 -6.64 -27.49 2.69
N SER B 51 -7.11 -27.72 3.91
CA SER B 51 -7.69 -26.68 4.76
C SER B 51 -7.44 -27.03 6.23
N LEU B 52 -7.56 -26.03 7.11
CA LEU B 52 -7.34 -26.26 8.53
C LEU B 52 -8.38 -25.60 9.42
N ILE B 53 -8.89 -26.37 10.38
CA ILE B 53 -9.79 -25.87 11.41
C ILE B 53 -9.22 -26.19 12.78
N VAL B 54 -8.81 -25.15 13.51
CA VAL B 54 -8.39 -25.31 14.90
C VAL B 54 -9.63 -25.10 15.78
N VAL B 55 -9.87 -26.03 16.70
CA VAL B 55 -11.10 -26.02 17.51
C VAL B 55 -10.84 -25.67 18.99
N ALA B 56 -9.63 -25.91 19.44
CA ALA B 56 -9.26 -25.70 20.85
C ALA B 56 -7.78 -25.41 21.01
N GLY B 57 -7.42 -24.85 22.16
CA GLY B 57 -6.03 -24.66 22.52
C GLY B 57 -5.40 -23.35 22.10
N LYS B 58 -4.07 -23.33 22.11
CA LYS B 58 -3.24 -22.16 21.86
C LYS B 58 -3.56 -21.42 20.55
N TYR B 59 -3.78 -22.17 19.48
CA TYR B 59 -3.94 -21.57 18.14
C TYR B 59 -5.39 -21.45 17.70
N HIS B 60 -6.33 -21.68 18.62
CA HIS B 60 -7.76 -21.62 18.32
C HIS B 60 -8.21 -20.19 18.05
N ILE B 61 -8.12 -19.33 19.07
CA ILE B 61 -8.47 -17.93 18.94
C ILE B 61 -7.19 -17.10 18.98
N ILE B 62 -6.85 -16.50 17.84
CA ILE B 62 -5.62 -15.74 17.72
C ILE B 62 -5.78 -14.30 18.22
N ASN B 63 -5.05 -13.96 19.27
CA ASN B 63 -4.97 -12.59 19.75
C ASN B 63 -3.52 -12.12 19.82
N ASN B 64 -3.11 -11.38 18.81
CA ASN B 64 -1.72 -10.90 18.69
C ASN B 64 -1.42 -9.65 19.52
N LYS B 65 -2.46 -9.03 20.06
CA LYS B 65 -2.28 -7.91 20.98
C LYS B 65 -1.93 -8.45 22.36
N THR B 66 -2.61 -9.53 22.76
CA THR B 66 -2.33 -10.22 24.01
C THR B 66 -1.07 -11.07 23.89
N ASN B 67 -0.93 -11.73 22.76
CA ASN B 67 0.19 -12.65 22.51
C ASN B 67 0.95 -12.29 21.24
N PRO B 68 1.88 -11.31 21.34
CA PRO B 68 2.57 -10.76 20.16
C PRO B 68 3.43 -11.78 19.39
N LYS B 69 3.92 -12.80 20.09
CA LYS B 69 4.88 -13.75 19.51
C LYS B 69 4.24 -14.92 18.74
N ILE B 70 2.96 -15.18 18.99
CA ILE B 70 2.24 -16.25 18.29
C ILE B 70 1.95 -15.84 16.85
N LYS B 71 2.83 -16.26 15.94
CA LYS B 71 2.75 -15.85 14.54
C LYS B 71 2.86 -17.02 13.56
N SER B 72 3.25 -18.19 14.07
CA SER B 72 3.41 -19.38 13.22
C SER B 72 3.28 -20.70 13.97
N PHE B 73 3.02 -21.76 13.21
CA PHE B 73 3.04 -23.14 13.69
C PHE B 73 3.16 -24.09 12.50
N THR B 74 3.57 -25.33 12.76
CA THR B 74 3.82 -26.29 11.69
C THR B 74 3.13 -27.63 11.92
N ILE B 75 2.47 -28.13 10.89
CA ILE B 75 1.87 -29.46 10.90
C ILE B 75 2.69 -30.38 10.01
N LYS B 76 3.27 -31.42 10.60
CA LYS B 76 4.16 -32.32 9.90
C LYS B 76 3.53 -33.70 9.70
N LEU B 77 3.66 -34.23 8.48
CA LEU B 77 3.26 -35.60 8.18
C LEU B 77 4.51 -36.36 7.78
N LEU B 78 4.87 -37.38 8.57
CA LEU B 78 6.10 -38.14 8.34
C LEU B 78 5.80 -39.57 7.90
N PHE B 79 6.55 -40.04 6.91
CA PHE B 79 6.30 -41.34 6.29
C PHE B 79 7.54 -42.22 6.25
N ASN B 80 7.32 -43.54 6.37
CA ASN B 80 8.38 -44.51 6.20
C ASN B 80 8.59 -44.89 4.73
N LYS B 81 9.43 -45.89 4.48
CA LYS B 81 9.73 -46.35 3.12
C LYS B 81 8.49 -46.83 2.35
N ASN B 82 7.49 -47.30 3.09
CA ASN B 82 6.25 -47.81 2.49
C ASN B 82 5.17 -46.75 2.30
N GLY B 83 5.41 -45.56 2.83
CA GLY B 83 4.45 -44.46 2.73
C GLY B 83 3.42 -44.49 3.83
N VAL B 84 3.73 -45.20 4.91
CA VAL B 84 2.87 -45.27 6.09
C VAL B 84 3.19 -44.08 6.99
N LEU B 85 2.15 -43.46 7.54
CA LEU B 85 2.30 -42.32 8.43
C LEU B 85 2.88 -42.73 9.79
N LEU B 86 3.97 -42.06 10.18
CA LEU B 86 4.62 -42.30 11.45
C LEU B 86 3.87 -41.60 12.59
N ASP B 87 3.81 -42.24 13.75
CA ASP B 87 2.98 -41.76 14.87
C ASP B 87 3.40 -40.44 15.50
N ASN B 88 4.66 -40.04 15.29
CA ASN B 88 5.15 -38.74 15.77
C ASN B 88 4.75 -37.56 14.88
N SER B 89 4.04 -37.86 13.80
CA SER B 89 3.41 -36.83 12.97
C SER B 89 2.30 -36.13 13.74
N ASN B 90 2.06 -34.86 13.42
CA ASN B 90 0.98 -34.09 14.05
C ASN B 90 -0.41 -34.66 13.71
N LEU B 91 -0.53 -35.24 12.53
CA LEU B 91 -1.78 -35.89 12.10
C LEU B 91 -1.89 -37.29 12.65
N GLY B 92 -3.05 -37.62 13.22
CA GLY B 92 -3.30 -38.95 13.76
C GLY B 92 -3.51 -40.01 12.69
N LYS B 93 -3.01 -41.21 12.94
CA LYS B 93 -3.07 -42.34 12.01
C LYS B 93 -4.48 -42.93 11.85
N ALA B 94 -5.34 -42.67 12.83
CA ALA B 94 -6.65 -43.32 12.92
C ALA B 94 -7.53 -43.18 11.68
N TYR B 95 -7.51 -42.00 11.06
CA TYR B 95 -8.37 -41.75 9.90
C TYR B 95 -7.61 -41.20 8.69
N TRP B 96 -6.32 -41.50 8.63
CA TRP B 96 -5.52 -41.24 7.43
C TRP B 96 -5.41 -42.54 6.64
N ASN B 97 -6.26 -42.67 5.62
CA ASN B 97 -6.42 -43.93 4.88
C ASN B 97 -6.99 -43.71 3.48
N PHE B 98 -7.09 -44.78 2.70
CA PHE B 98 -7.73 -44.74 1.38
C PHE B 98 -9.23 -44.49 1.48
N ARG B 99 -9.77 -43.84 0.46
CA ARG B 99 -11.19 -43.45 0.43
C ARG B 99 -12.14 -44.62 0.16
N SER B 100 -13.20 -44.70 0.96
CA SER B 100 -14.35 -45.54 0.67
C SER B 100 -15.61 -44.71 0.93
N GLY B 101 -16.23 -44.22 -0.14
CA GLY B 101 -17.34 -43.29 -0.05
C GLY B 101 -16.89 -41.98 0.56
N ASN B 102 -17.58 -41.53 1.60
CA ASN B 102 -17.16 -40.35 2.35
C ASN B 102 -16.40 -40.72 3.62
N SER B 103 -16.05 -42.01 3.72
CA SER B 103 -15.29 -42.53 4.86
C SER B 103 -14.01 -43.20 4.37
N ASN B 104 -13.41 -44.03 5.22
CA ASN B 104 -12.20 -44.78 4.87
C ASN B 104 -12.45 -46.28 4.78
N VAL B 105 -11.50 -46.99 4.16
CA VAL B 105 -11.54 -48.45 4.09
C VAL B 105 -11.43 -49.07 5.49
N SER B 106 -11.95 -50.28 5.64
CA SER B 106 -12.03 -50.96 6.94
C SER B 106 -10.68 -51.14 7.64
N THR B 107 -9.64 -51.44 6.86
CA THR B 107 -8.31 -51.71 7.42
C THR B 107 -7.28 -50.68 6.98
N ALA B 108 -6.29 -50.44 7.84
CA ALA B 108 -5.18 -49.51 7.54
C ALA B 108 -4.33 -50.02 6.38
N TYR B 109 -3.87 -49.11 5.54
CA TYR B 109 -3.09 -49.46 4.36
C TYR B 109 -1.66 -49.85 4.69
N GLU B 110 -1.07 -50.69 3.85
CA GLU B 110 0.31 -51.14 4.03
C GLU B 110 1.29 -50.41 3.11
N LYS B 111 0.82 -49.98 1.94
CA LYS B 111 1.64 -49.28 0.96
C LYS B 111 0.91 -48.08 0.35
N ALA B 112 1.67 -47.00 0.14
CA ALA B 112 1.16 -45.81 -0.55
C ALA B 112 2.30 -45.00 -1.17
N ILE B 113 3.29 -45.70 -1.72
CA ILE B 113 4.48 -45.08 -2.30
C ILE B 113 4.14 -44.16 -3.48
N GLY B 114 3.05 -44.49 -4.19
CA GLY B 114 2.56 -43.69 -5.30
C GLY B 114 2.01 -42.33 -4.92
N PHE B 115 1.84 -42.10 -3.61
CA PHE B 115 1.34 -40.83 -3.10
C PHE B 115 2.42 -40.01 -2.43
N MET B 116 3.63 -40.57 -2.36
CA MET B 116 4.76 -39.91 -1.73
C MET B 116 5.43 -38.91 -2.69
N PRO B 117 5.97 -37.81 -2.15
CA PRO B 117 6.73 -36.87 -2.97
C PRO B 117 7.95 -37.56 -3.59
N ASN B 118 8.17 -37.29 -4.88
CA ASN B 118 9.29 -37.86 -5.62
C ASN B 118 10.64 -37.49 -4.98
N LEU B 119 11.47 -38.51 -4.78
CA LEU B 119 12.76 -38.34 -4.10
C LEU B 119 13.81 -37.61 -4.93
N VAL B 120 13.82 -37.85 -6.24
CA VAL B 120 14.74 -37.14 -7.14
C VAL B 120 14.33 -35.66 -7.24
N ALA B 121 13.02 -35.42 -7.38
CA ALA B 121 12.46 -34.07 -7.42
C ALA B 121 12.67 -33.33 -6.11
N TYR B 122 12.41 -34.03 -5.00
CA TYR B 122 12.50 -33.44 -3.67
C TYR B 122 13.32 -34.35 -2.75
N PRO B 123 14.66 -34.22 -2.79
CA PRO B 123 15.53 -35.12 -2.03
C PRO B 123 15.53 -34.88 -0.53
N LYS B 124 15.71 -35.97 0.23
CA LYS B 124 15.84 -35.93 1.69
C LYS B 124 17.04 -35.07 2.09
N PRO B 125 16.99 -34.47 3.30
CA PRO B 125 18.14 -33.69 3.77
C PRO B 125 19.44 -34.48 3.67
N SER B 126 20.41 -33.92 2.94
CA SER B 126 21.72 -34.54 2.74
C SER B 126 22.79 -33.47 2.57
N ASN B 127 23.98 -33.87 2.12
CA ASN B 127 25.09 -32.94 1.92
C ASN B 127 24.97 -32.09 0.65
N SER B 128 24.07 -32.48 -0.25
CA SER B 128 23.88 -31.80 -1.53
C SER B 128 23.24 -30.42 -1.38
N LYS B 129 23.35 -29.62 -2.43
CA LYS B 129 22.75 -28.29 -2.47
C LYS B 129 21.22 -28.36 -2.37
N LYS B 130 20.67 -27.64 -1.40
CA LYS B 130 19.24 -27.61 -1.15
C LYS B 130 18.53 -26.65 -2.11
N TYR B 131 17.60 -27.18 -2.89
CA TYR B 131 16.86 -26.37 -3.85
C TYR B 131 15.44 -26.05 -3.38
N ALA B 132 14.96 -24.87 -3.77
CA ALA B 132 13.68 -24.34 -3.32
C ALA B 132 12.45 -25.02 -3.94
N ARG B 133 12.65 -25.81 -4.99
CA ARG B 133 11.54 -26.42 -5.72
C ARG B 133 10.70 -27.42 -4.90
N ASP B 134 11.25 -27.84 -3.75
CA ASP B 134 10.50 -28.71 -2.83
C ASP B 134 9.57 -27.91 -1.90
N ILE B 135 9.35 -26.64 -2.23
CA ILE B 135 8.43 -25.79 -1.48
C ILE B 135 7.31 -25.30 -2.42
N VAL B 136 6.08 -25.32 -1.92
CA VAL B 136 4.96 -24.63 -2.54
C VAL B 136 4.41 -23.60 -1.56
N TYR B 137 4.36 -22.35 -2.00
CA TYR B 137 3.77 -21.27 -1.22
C TYR B 137 2.32 -21.03 -1.65
N GLY B 138 1.48 -20.65 -0.70
CA GLY B 138 0.09 -20.32 -0.96
C GLY B 138 -0.49 -19.44 0.12
N THR B 139 -1.62 -18.80 -0.16
CA THR B 139 -2.28 -17.93 0.80
C THR B 139 -3.73 -18.36 1.03
N ILE B 140 -4.05 -18.67 2.28
CA ILE B 140 -5.43 -18.91 2.70
C ILE B 140 -5.93 -17.79 3.60
N TYR B 141 -7.21 -17.84 3.98
CA TYR B 141 -7.86 -16.73 4.67
C TYR B 141 -8.70 -17.22 5.85
N LEU B 142 -8.44 -16.65 7.02
CA LEU B 142 -9.10 -17.03 8.26
C LEU B 142 -10.54 -16.52 8.31
N GLY B 143 -11.48 -17.41 8.63
CA GLY B 143 -12.90 -17.07 8.64
C GLY B 143 -13.47 -16.81 7.25
N GLY B 144 -12.62 -16.93 6.23
CA GLY B 144 -13.02 -16.66 4.86
C GLY B 144 -13.09 -15.17 4.56
N LYS B 145 -12.46 -14.37 5.41
CA LYS B 145 -12.44 -12.93 5.23
C LYS B 145 -11.23 -12.50 4.39
N PRO B 146 -11.47 -11.72 3.32
CA PRO B 146 -10.44 -11.30 2.36
C PRO B 146 -9.29 -10.52 2.99
N ASP B 147 -9.57 -9.78 4.06
CA ASP B 147 -8.54 -8.98 4.75
C ASP B 147 -7.81 -9.73 5.87
N GLN B 148 -7.98 -11.06 5.90
CA GLN B 148 -7.31 -11.87 6.92
C GLN B 148 -6.44 -13.00 6.34
N PRO B 149 -5.40 -12.64 5.55
CA PRO B 149 -4.58 -13.68 4.94
C PRO B 149 -3.63 -14.36 5.94
N ALA B 150 -3.30 -15.61 5.64
CA ALA B 150 -2.25 -16.32 6.34
C ALA B 150 -1.53 -17.20 5.32
N VAL B 151 -0.20 -17.17 5.36
CA VAL B 151 0.63 -17.91 4.43
C VAL B 151 0.73 -19.38 4.84
N ILE B 152 0.41 -20.27 3.90
CA ILE B 152 0.64 -21.70 4.07
C ILE B 152 1.84 -22.12 3.23
N LYS B 153 2.85 -22.67 3.91
CA LYS B 153 4.08 -23.11 3.27
C LYS B 153 4.18 -24.62 3.34
N THR B 154 4.19 -25.25 2.17
CA THR B 154 4.23 -26.71 2.08
C THR B 154 5.60 -27.15 1.56
N THR B 155 6.26 -27.98 2.34
CA THR B 155 7.59 -28.48 1.98
C THR B 155 7.57 -30.00 1.88
N PHE B 156 8.29 -30.54 0.90
CA PHE B 156 8.35 -31.97 0.66
C PHE B 156 9.73 -32.54 0.99
N ASN B 157 9.72 -33.65 1.75
CA ASN B 157 10.92 -34.42 2.07
C ASN B 157 12.08 -33.59 2.65
N GLN B 158 11.78 -32.78 3.67
CA GLN B 158 12.81 -31.97 4.32
C GLN B 158 12.89 -32.18 5.83
N GLU B 159 12.13 -33.14 6.34
CA GLU B 159 12.28 -33.57 7.73
C GLU B 159 13.23 -34.76 7.80
N THR B 160 14.04 -34.78 8.85
CA THR B 160 14.86 -35.95 9.15
C THR B 160 14.07 -36.92 10.02
N GLY B 161 14.58 -38.13 10.20
CA GLY B 161 13.93 -39.15 11.02
C GLY B 161 12.80 -39.89 10.31
N CYS B 162 12.73 -39.73 8.99
CA CYS B 162 11.69 -40.33 8.15
C CYS B 162 12.20 -40.56 6.73
N GLU B 163 11.44 -41.28 5.92
CA GLU B 163 11.78 -41.43 4.50
C GLU B 163 11.11 -40.33 3.66
N TYR B 164 9.84 -40.08 3.93
CA TYR B 164 9.12 -39.00 3.27
C TYR B 164 8.47 -38.07 4.29
N SER B 165 8.20 -36.85 3.87
CA SER B 165 7.49 -35.89 4.70
C SER B 165 6.76 -34.82 3.89
N ILE B 166 5.59 -34.45 4.37
CA ILE B 166 4.86 -33.28 3.88
C ILE B 166 4.54 -32.41 5.10
N THR B 167 5.14 -31.23 5.15
CA THR B 167 4.92 -30.31 6.25
C THR B 167 4.14 -29.09 5.79
N PHE B 168 3.21 -28.65 6.63
CA PHE B 168 2.46 -27.43 6.39
C PHE B 168 2.78 -26.40 7.47
N ASN B 169 3.50 -25.35 7.09
CA ASN B 169 3.77 -24.24 7.99
C ASN B 169 2.77 -23.11 7.78
N PHE B 170 1.99 -22.83 8.81
CA PHE B 170 1.05 -21.71 8.78
C PHE B 170 1.69 -20.52 9.49
N SER B 171 1.71 -19.37 8.82
CA SER B 171 2.24 -18.14 9.40
C SER B 171 1.48 -16.92 8.92
N TRP B 172 1.54 -15.85 9.71
CA TRP B 172 0.89 -14.59 9.37
C TRP B 172 1.71 -13.41 9.89
N SER B 173 1.59 -12.27 9.22
CA SER B 173 2.33 -11.06 9.58
CA SER B 173 2.32 -11.05 9.57
C SER B 173 1.45 -10.03 10.29
N LYS B 174 0.17 -9.99 9.94
CA LYS B 174 -0.79 -9.05 10.52
C LYS B 174 -1.05 -9.32 12.00
N THR B 175 -1.42 -8.26 12.72
CA THR B 175 -1.79 -8.34 14.12
C THR B 175 -3.30 -8.62 14.20
N TYR B 176 -3.65 -9.88 14.45
CA TYR B 176 -5.06 -10.29 14.57
C TYR B 176 -5.52 -10.28 16.01
N GLU B 177 -6.71 -9.74 16.25
CA GLU B 177 -7.28 -9.67 17.59
C GLU B 177 -8.59 -10.45 17.66
N ASN B 178 -8.55 -11.56 18.39
CA ASN B 178 -9.68 -12.49 18.53
C ASN B 178 -10.24 -13.03 17.21
N VAL B 179 -9.36 -13.67 16.45
CA VAL B 179 -9.70 -14.29 15.17
C VAL B 179 -9.58 -15.80 15.28
N GLU B 180 -10.69 -16.49 15.03
CA GLU B 180 -10.74 -17.96 15.06
C GLU B 180 -9.99 -18.54 13.86
N PHE B 181 -8.99 -19.38 14.13
CA PHE B 181 -8.14 -19.94 13.09
C PHE B 181 -8.80 -21.11 12.38
N GLU B 182 -9.66 -20.80 11.42
CA GLU B 182 -10.28 -21.78 10.55
C GLU B 182 -10.24 -21.21 9.13
N THR B 183 -9.71 -22.00 8.21
CA THR B 183 -9.21 -21.46 6.94
C THR B 183 -10.02 -21.84 5.70
N THR B 184 -9.87 -21.04 4.66
CA THR B 184 -10.30 -21.39 3.31
C THR B 184 -9.41 -22.53 2.77
N SER B 185 -9.77 -23.05 1.60
CA SER B 185 -9.07 -24.20 1.03
C SER B 185 -7.99 -23.79 0.03
N PHE B 186 -6.93 -24.60 -0.05
CA PHE B 186 -5.84 -24.38 -1.01
C PHE B 186 -5.52 -25.66 -1.77
N THR B 187 -5.40 -25.52 -3.09
CA THR B 187 -5.03 -26.62 -3.97
C THR B 187 -3.60 -26.45 -4.51
N PHE B 188 -2.87 -27.54 -4.55
CA PHE B 188 -1.54 -27.61 -5.16
C PHE B 188 -1.28 -29.00 -5.71
N SER B 189 -0.13 -29.20 -6.33
CA SER B 189 0.30 -30.53 -6.75
C SER B 189 1.79 -30.74 -6.50
N TYR B 190 2.23 -32.00 -6.62
CA TYR B 190 3.64 -32.35 -6.52
C TYR B 190 3.90 -33.65 -7.28
N ILE B 191 5.16 -33.85 -7.67
CA ILE B 191 5.58 -35.03 -8.42
C ILE B 191 5.60 -36.27 -7.51
N ALA B 192 4.95 -37.34 -7.97
CA ALA B 192 4.87 -38.59 -7.22
C ALA B 192 6.12 -39.44 -7.40
N GLN B 193 6.42 -40.25 -6.39
CA GLN B 193 7.59 -41.14 -6.40
C GLN B 193 7.50 -42.20 -7.49
N GLU B 194 6.30 -42.75 -7.67
CA GLU B 194 6.03 -43.74 -8.71
C GLU B 194 4.60 -43.58 -9.24
N THR C 12 -17.30 -38.03 -20.78
CA THR C 12 -18.01 -38.22 -19.48
C THR C 12 -17.15 -37.79 -18.30
N ARG C 13 -15.92 -37.34 -18.59
CA ARG C 13 -14.99 -36.89 -17.57
C ARG C 13 -14.91 -35.37 -17.48
N THR C 14 -15.62 -34.68 -18.39
CA THR C 14 -15.55 -33.22 -18.46
C THR C 14 -16.92 -32.55 -18.60
N LEU C 15 -17.22 -31.65 -17.65
CA LEU C 15 -18.35 -30.74 -17.75
C LEU C 15 -17.83 -29.34 -18.03
N TRP C 16 -18.27 -28.74 -19.13
CA TRP C 16 -17.77 -27.42 -19.52
C TRP C 16 -18.79 -26.51 -20.23
N THR C 17 -18.41 -25.25 -20.38
CA THR C 17 -19.26 -24.23 -21.02
C THR C 17 -18.95 -24.08 -22.51
N THR C 18 -18.07 -24.94 -23.04
CA THR C 18 -17.49 -24.80 -24.38
C THR C 18 -16.38 -23.74 -24.36
N PRO C 19 -15.21 -24.04 -24.96
CA PRO C 19 -14.08 -23.11 -24.97
C PRO C 19 -14.23 -21.90 -25.90
N ASP C 20 -15.39 -21.75 -26.54
CA ASP C 20 -15.64 -20.62 -27.44
C ASP C 20 -15.87 -19.30 -26.69
N THR C 21 -16.20 -18.24 -27.43
CA THR C 21 -16.45 -16.92 -26.83
C THR C 21 -17.91 -16.47 -26.96
N SER C 22 -18.81 -17.43 -27.20
CA SER C 22 -20.24 -17.14 -27.32
C SER C 22 -20.85 -16.91 -25.94
N PRO C 23 -21.36 -15.68 -25.68
CA PRO C 23 -21.89 -15.27 -24.37
C PRO C 23 -22.95 -16.21 -23.82
N ASN C 24 -22.78 -16.61 -22.57
CA ASN C 24 -23.61 -17.64 -21.95
C ASN C 24 -24.07 -17.29 -20.53
N CYS C 25 -23.74 -16.08 -20.08
CA CYS C 25 -23.94 -15.72 -18.69
C CYS C 25 -24.60 -14.34 -18.51
N THR C 26 -25.48 -14.26 -17.52
CA THR C 26 -26.23 -13.04 -17.22
C THR C 26 -25.85 -12.49 -15.85
N ILE C 27 -25.18 -11.33 -15.85
CA ILE C 27 -24.82 -10.64 -14.61
C ILE C 27 -25.81 -9.51 -14.31
N ALA C 28 -25.84 -8.51 -15.17
CA ALA C 28 -26.74 -7.37 -15.03
C ALA C 28 -27.87 -7.42 -16.06
N GLN C 29 -27.50 -7.29 -17.34
CA GLN C 29 -28.44 -7.47 -18.44
C GLN C 29 -28.28 -8.87 -19.04
N ASP C 30 -29.24 -9.29 -19.85
CA ASP C 30 -29.27 -10.65 -20.37
C ASP C 30 -28.09 -11.00 -21.27
N LYS C 31 -27.46 -12.13 -20.97
CA LYS C 31 -26.31 -12.68 -21.72
C LYS C 31 -25.17 -11.68 -21.96
N ASP C 32 -24.88 -10.89 -20.94
CA ASP C 32 -23.88 -9.82 -21.03
C ASP C 32 -22.42 -10.29 -20.87
N SER C 33 -22.23 -11.59 -20.64
CA SER C 33 -20.90 -12.13 -20.36
C SER C 33 -20.68 -13.55 -20.88
N LYS C 34 -19.41 -13.91 -21.00
CA LYS C 34 -18.99 -15.26 -21.32
C LYS C 34 -18.19 -15.86 -20.16
N LEU C 35 -18.79 -16.82 -19.47
CA LEU C 35 -18.11 -17.54 -18.40
C LEU C 35 -17.52 -18.83 -18.97
N THR C 36 -16.18 -18.88 -19.04
CA THR C 36 -15.49 -20.06 -19.52
C THR C 36 -15.11 -20.93 -18.32
N LEU C 37 -15.91 -21.96 -18.07
CA LEU C 37 -15.68 -22.87 -16.95
C LEU C 37 -15.56 -24.32 -17.41
N VAL C 38 -14.46 -24.96 -17.05
CA VAL C 38 -14.20 -26.35 -17.39
C VAL C 38 -13.97 -27.15 -16.11
N LEU C 39 -14.80 -28.17 -15.90
CA LEU C 39 -14.68 -29.05 -14.74
C LEU C 39 -14.27 -30.44 -15.19
N THR C 40 -13.08 -30.86 -14.78
CA THR C 40 -12.56 -32.19 -15.11
C THR C 40 -12.57 -33.09 -13.89
N LYS C 41 -13.15 -34.27 -14.05
CA LYS C 41 -13.19 -35.25 -12.95
C LYS C 41 -11.88 -36.02 -12.85
N CYS C 42 -11.25 -35.89 -11.68
CA CYS C 42 -10.06 -36.66 -11.33
C CYS C 42 -10.34 -37.38 -10.02
N GLY C 43 -11.06 -38.49 -10.10
CA GLY C 43 -11.42 -39.30 -8.94
C GLY C 43 -12.27 -38.57 -7.91
N SER C 44 -11.68 -38.34 -6.74
CA SER C 44 -12.38 -37.70 -5.62
CA SER C 44 -12.36 -37.69 -5.61
C SER C 44 -12.35 -36.16 -5.72
N GLN C 45 -11.50 -35.63 -6.60
CA GLN C 45 -11.41 -34.19 -6.79
C GLN C 45 -11.87 -33.77 -8.17
N ILE C 46 -12.35 -32.53 -8.27
CA ILE C 46 -12.71 -31.94 -9.55
C ILE C 46 -11.74 -30.83 -9.88
N LEU C 47 -10.95 -31.01 -10.94
CA LEU C 47 -10.06 -29.98 -11.42
C LEU C 47 -10.86 -28.94 -12.20
N ALA C 48 -10.76 -27.69 -11.77
CA ALA C 48 -11.57 -26.62 -12.34
C ALA C 48 -10.72 -25.49 -12.90
N ASN C 49 -11.11 -25.00 -14.08
CA ASN C 49 -10.46 -23.89 -14.74
C ASN C 49 -11.50 -22.85 -15.13
N VAL C 50 -11.24 -21.58 -14.80
CA VAL C 50 -12.25 -20.53 -14.97
C VAL C 50 -11.68 -19.19 -15.42
N SER C 51 -12.38 -18.55 -16.36
CA SER C 51 -12.12 -17.17 -16.77
C SER C 51 -13.43 -16.49 -17.13
N LEU C 52 -13.42 -15.17 -17.17
CA LEU C 52 -14.62 -14.40 -17.52
C LEU C 52 -14.35 -13.28 -18.51
N ILE C 53 -15.25 -13.16 -19.49
CA ILE C 53 -15.25 -12.07 -20.44
C ILE C 53 -16.61 -11.39 -20.43
N VAL C 54 -16.63 -10.11 -20.04
CA VAL C 54 -17.85 -9.33 -20.08
C VAL C 54 -17.84 -8.47 -21.36
N VAL C 55 -18.90 -8.59 -22.16
CA VAL C 55 -18.95 -7.96 -23.47
C VAL C 55 -19.84 -6.71 -23.54
N ALA C 56 -20.87 -6.64 -22.71
CA ALA C 56 -21.81 -5.52 -22.71
C ALA C 56 -22.36 -5.23 -21.31
N GLY C 57 -23.01 -4.08 -21.17
CA GLY C 57 -23.76 -3.75 -19.97
C GLY C 57 -23.00 -3.02 -18.88
N LYS C 58 -23.44 -3.24 -17.65
CA LYS C 58 -22.94 -2.54 -16.46
C LYS C 58 -21.47 -2.83 -16.16
N TYR C 59 -21.03 -4.06 -16.45
CA TYR C 59 -19.69 -4.51 -16.08
C TYR C 59 -18.75 -4.71 -17.28
N HIS C 60 -19.09 -4.13 -18.42
CA HIS C 60 -18.23 -4.22 -19.61
C HIS C 60 -16.98 -3.33 -19.48
N ILE C 61 -17.20 -2.01 -19.47
CA ILE C 61 -16.12 -1.04 -19.29
C ILE C 61 -16.23 -0.44 -17.90
N ILE C 62 -15.30 -0.83 -17.02
CA ILE C 62 -15.30 -0.38 -15.63
C ILE C 62 -14.72 1.02 -15.49
N ASN C 63 -15.49 1.91 -14.87
CA ASN C 63 -15.02 3.27 -14.55
C ASN C 63 -15.39 3.63 -13.11
N ASN C 64 -14.44 3.40 -12.20
CA ASN C 64 -14.66 3.62 -10.77
C ASN C 64 -14.67 5.10 -10.37
N LYS C 65 -14.05 5.94 -11.18
CA LYS C 65 -14.02 7.38 -10.91
C LYS C 65 -15.35 8.05 -11.29
N THR C 66 -16.06 7.43 -12.22
CA THR C 66 -17.42 7.83 -12.57
C THR C 66 -18.42 7.12 -11.67
N ASN C 67 -18.17 5.84 -11.43
CA ASN C 67 -19.06 5.01 -10.61
C ASN C 67 -18.29 4.31 -9.48
N PRO C 68 -18.25 4.94 -8.28
CA PRO C 68 -17.48 4.42 -7.15
C PRO C 68 -18.11 3.20 -6.47
N LYS C 69 -19.39 2.96 -6.72
CA LYS C 69 -20.13 1.87 -6.07
C LYS C 69 -19.95 0.51 -6.77
N ILE C 70 -19.65 0.53 -8.06
CA ILE C 70 -19.42 -0.70 -8.83
C ILE C 70 -18.05 -1.29 -8.48
N LYS C 71 -18.06 -2.22 -7.53
CA LYS C 71 -16.82 -2.81 -7.03
C LYS C 71 -16.87 -4.35 -7.00
N SER C 72 -18.06 -4.91 -7.15
CA SER C 72 -18.24 -6.37 -7.07
C SER C 72 -19.49 -6.87 -7.80
N PHE C 73 -19.46 -8.16 -8.17
CA PHE C 73 -20.61 -8.86 -8.74
C PHE C 73 -20.45 -10.37 -8.57
N THR C 74 -21.56 -11.09 -8.57
CA THR C 74 -21.55 -12.53 -8.32
C THR C 74 -22.29 -13.32 -9.39
N ILE C 75 -21.62 -14.36 -9.91
CA ILE C 75 -22.22 -15.30 -10.83
C ILE C 75 -22.49 -16.61 -10.09
N LYS C 76 -23.75 -17.04 -10.10
CA LYS C 76 -24.17 -18.21 -9.34
C LYS C 76 -24.54 -19.38 -10.25
N LEU C 77 -24.07 -20.57 -9.90
CA LEU C 77 -24.53 -21.81 -10.54
C LEU C 77 -25.28 -22.65 -9.52
N LEU C 78 -26.54 -22.94 -9.79
CA LEU C 78 -27.38 -23.69 -8.86
C LEU C 78 -27.79 -25.03 -9.45
N PHE C 79 -27.65 -26.08 -8.65
CA PHE C 79 -27.91 -27.45 -9.11
C PHE C 79 -28.97 -28.16 -8.26
N ASN C 80 -29.65 -29.13 -8.86
CA ASN C 80 -30.59 -29.99 -8.14
C ASN C 80 -29.91 -31.27 -7.63
N LYS C 81 -30.71 -32.17 -7.06
CA LYS C 81 -30.20 -33.44 -6.50
C LYS C 81 -29.43 -34.29 -7.52
N ASN C 82 -29.79 -34.16 -8.79
CA ASN C 82 -29.13 -34.90 -9.87
C ASN C 82 -27.90 -34.18 -10.44
N GLY C 83 -27.69 -32.94 -10.00
CA GLY C 83 -26.56 -32.14 -10.47
C GLY C 83 -26.86 -31.38 -11.74
N VAL C 84 -28.15 -31.22 -12.03
CA VAL C 84 -28.60 -30.49 -13.21
C VAL C 84 -28.67 -28.99 -12.87
N LEU C 85 -28.13 -28.17 -13.77
CA LEU C 85 -28.17 -26.71 -13.61
C LEU C 85 -29.61 -26.20 -13.65
N LEU C 86 -29.92 -25.26 -12.76
CA LEU C 86 -31.24 -24.65 -12.71
C LEU C 86 -31.24 -23.37 -13.55
N ASP C 87 -32.37 -23.11 -14.22
CA ASP C 87 -32.53 -21.90 -15.04
C ASP C 87 -32.50 -20.64 -14.18
N ASN C 88 -32.55 -20.83 -12.87
CA ASN C 88 -32.41 -19.78 -11.87
C ASN C 88 -30.99 -19.20 -11.85
N SER C 89 -30.02 -20.01 -12.27
CA SER C 89 -28.60 -19.63 -12.27
C SER C 89 -28.28 -18.51 -13.24
N ASN C 90 -27.16 -17.82 -12.98
CA ASN C 90 -26.68 -16.75 -13.86
C ASN C 90 -26.21 -17.25 -15.22
N LEU C 91 -25.67 -18.47 -15.23
CA LEU C 91 -25.23 -19.13 -16.46
C LEU C 91 -26.41 -19.86 -17.11
N GLY C 92 -26.51 -19.72 -18.44
CA GLY C 92 -27.57 -20.37 -19.20
C GLY C 92 -27.38 -21.86 -19.36
N LYS C 93 -28.48 -22.60 -19.35
CA LYS C 93 -28.46 -24.06 -19.45
C LYS C 93 -28.10 -24.57 -20.85
N ALA C 94 -28.31 -23.72 -21.85
CA ALA C 94 -28.19 -24.11 -23.26
C ALA C 94 -26.84 -24.70 -23.67
N TYR C 95 -25.76 -24.15 -23.12
CA TYR C 95 -24.41 -24.58 -23.50
C TYR C 95 -23.55 -25.03 -22.31
N TRP C 96 -24.19 -25.65 -21.33
CA TRP C 96 -23.51 -26.27 -20.19
C TRP C 96 -23.79 -27.77 -20.23
N ASN C 97 -22.79 -28.54 -20.71
CA ASN C 97 -22.96 -29.97 -20.93
C ASN C 97 -21.62 -30.70 -20.98
N PHE C 98 -21.67 -32.03 -21.11
CA PHE C 98 -20.48 -32.87 -21.21
C PHE C 98 -19.71 -32.64 -22.50
N ARG C 99 -18.40 -32.87 -22.45
CA ARG C 99 -17.50 -32.64 -23.58
C ARG C 99 -17.76 -33.58 -24.76
N SER C 100 -17.85 -33.00 -25.96
CA SER C 100 -17.82 -33.75 -27.20
C SER C 100 -16.96 -32.97 -28.21
N GLY C 101 -15.68 -33.30 -28.25
CA GLY C 101 -14.71 -32.58 -29.08
C GLY C 101 -14.45 -31.20 -28.54
N ASN C 102 -14.70 -30.18 -29.36
CA ASN C 102 -14.61 -28.79 -28.93
C ASN C 102 -15.99 -28.18 -28.64
N SER C 103 -17.00 -29.04 -28.54
CA SER C 103 -18.37 -28.63 -28.28
C SER C 103 -19.01 -29.53 -27.23
N ASN C 104 -20.35 -29.54 -27.20
CA ASN C 104 -21.10 -30.36 -26.25
C ASN C 104 -21.80 -31.54 -26.91
N VAL C 105 -22.29 -32.46 -26.08
CA VAL C 105 -23.13 -33.57 -26.52
C VAL C 105 -24.48 -33.00 -26.95
N SER C 106 -25.09 -33.62 -27.95
CA SER C 106 -26.36 -33.15 -28.52
C SER C 106 -27.54 -33.14 -27.54
N THR C 107 -27.48 -34.00 -26.52
CA THR C 107 -28.56 -34.11 -25.54
C THR C 107 -28.12 -33.58 -24.17
N ALA C 108 -29.01 -32.85 -23.51
CA ALA C 108 -28.77 -32.34 -22.16
C ALA C 108 -28.68 -33.48 -21.15
N TYR C 109 -27.67 -33.40 -20.28
CA TYR C 109 -27.39 -34.47 -19.32
C TYR C 109 -28.46 -34.63 -18.24
N GLU C 110 -28.60 -35.84 -17.72
CA GLU C 110 -29.60 -36.16 -16.71
C GLU C 110 -29.00 -36.24 -15.31
N LYS C 111 -27.77 -36.74 -15.21
CA LYS C 111 -27.10 -36.91 -13.93
C LYS C 111 -25.62 -36.52 -14.01
N ALA C 112 -25.18 -35.69 -13.06
CA ALA C 112 -23.79 -35.26 -12.97
C ALA C 112 -23.38 -35.07 -11.50
N ILE C 113 -23.81 -36.01 -10.66
CA ILE C 113 -23.55 -35.96 -9.22
C ILE C 113 -22.06 -36.05 -8.88
N GLY C 114 -21.32 -36.77 -9.72
CA GLY C 114 -19.87 -36.91 -9.56
C GLY C 114 -19.10 -35.61 -9.73
N PHE C 115 -19.75 -34.60 -10.29
CA PHE C 115 -19.14 -33.28 -10.52
C PHE C 115 -19.55 -32.26 -9.46
N MET C 116 -20.47 -32.65 -8.60
CA MET C 116 -20.99 -31.76 -7.55
C MET C 116 -20.06 -31.69 -6.33
N PRO C 117 -20.01 -30.51 -5.67
CA PRO C 117 -19.19 -30.35 -4.46
C PRO C 117 -19.69 -31.24 -3.31
N ASN C 118 -18.74 -31.94 -2.69
CA ASN C 118 -19.00 -32.87 -1.59
C ASN C 118 -19.77 -32.24 -0.44
N LEU C 119 -20.91 -32.84 -0.08
CA LEU C 119 -21.79 -32.31 0.96
C LEU C 119 -21.22 -32.37 2.38
N VAL C 120 -20.45 -33.42 2.68
CA VAL C 120 -19.77 -33.54 3.97
C VAL C 120 -18.70 -32.44 4.11
N ALA C 121 -17.92 -32.25 3.04
CA ALA C 121 -16.88 -31.23 3.00
C ALA C 121 -17.47 -29.82 2.96
N TYR C 122 -18.48 -29.63 2.10
CA TYR C 122 -19.12 -28.34 1.93
C TYR C 122 -20.64 -28.48 2.15
N PRO C 123 -21.09 -28.35 3.41
CA PRO C 123 -22.50 -28.53 3.75
C PRO C 123 -23.41 -27.41 3.26
N LYS C 124 -24.65 -27.78 2.95
CA LYS C 124 -25.72 -26.83 2.63
C LYS C 124 -25.96 -25.91 3.82
N PRO C 125 -26.44 -24.67 3.55
CA PRO C 125 -26.78 -23.76 4.64
C PRO C 125 -27.74 -24.42 5.63
N SER C 126 -27.43 -24.30 6.93
CA SER C 126 -28.25 -24.88 8.00
C SER C 126 -27.90 -24.24 9.35
N ASN C 127 -28.67 -24.56 10.38
CA ASN C 127 -28.46 -24.03 11.74
C ASN C 127 -27.09 -24.34 12.36
N SER C 128 -26.37 -25.29 11.78
CA SER C 128 -25.03 -25.67 12.26
C SER C 128 -23.94 -24.69 11.83
N LYS C 129 -22.76 -24.81 12.44
CA LYS C 129 -21.63 -23.90 12.22
C LYS C 129 -21.10 -23.93 10.77
N LYS C 130 -20.82 -22.74 10.24
CA LYS C 130 -20.33 -22.59 8.87
C LYS C 130 -18.82 -22.41 8.85
N TYR C 131 -18.11 -23.33 8.21
CA TYR C 131 -16.66 -23.26 8.09
C TYR C 131 -16.22 -22.63 6.76
N ALA C 132 -15.04 -22.02 6.78
CA ALA C 132 -14.52 -21.30 5.62
C ALA C 132 -13.93 -22.20 4.54
N ARG C 133 -13.80 -23.50 4.83
CA ARG C 133 -13.20 -24.43 3.89
C ARG C 133 -13.99 -24.65 2.59
N ASP C 134 -15.23 -24.14 2.55
CA ASP C 134 -16.03 -24.18 1.32
C ASP C 134 -15.77 -22.97 0.41
N ILE C 135 -14.71 -22.22 0.73
CA ILE C 135 -14.31 -21.08 -0.06
C ILE C 135 -12.92 -21.31 -0.64
N VAL C 136 -12.73 -20.90 -1.89
CA VAL C 136 -11.41 -20.80 -2.49
C VAL C 136 -11.19 -19.36 -2.96
N TYR C 137 -10.03 -18.80 -2.61
CA TYR C 137 -9.66 -17.47 -3.07
C TYR C 137 -8.60 -17.53 -4.15
N GLY C 138 -8.78 -16.72 -5.19
CA GLY C 138 -7.79 -16.57 -6.25
C GLY C 138 -7.72 -15.15 -6.75
N THR C 139 -6.67 -14.85 -7.51
CA THR C 139 -6.52 -13.54 -8.15
C THR C 139 -6.36 -13.71 -9.65
N ILE C 140 -7.28 -13.10 -10.41
CA ILE C 140 -7.15 -13.00 -11.86
C ILE C 140 -6.84 -11.56 -12.26
N TYR C 141 -6.42 -11.38 -13.52
CA TYR C 141 -5.97 -10.08 -13.97
C TYR C 141 -6.70 -9.62 -15.23
N LEU C 142 -7.17 -8.37 -15.19
CA LEU C 142 -7.98 -7.80 -16.26
C LEU C 142 -7.10 -7.32 -17.40
N GLY C 143 -7.45 -7.72 -18.62
CA GLY C 143 -6.67 -7.38 -19.81
C GLY C 143 -5.30 -8.03 -19.83
N GLY C 144 -5.08 -9.00 -18.94
CA GLY C 144 -3.80 -9.68 -18.83
C GLY C 144 -2.71 -8.82 -18.21
N LYS C 145 -3.09 -7.65 -17.72
CA LYS C 145 -2.15 -6.70 -17.15
C LYS C 145 -1.88 -7.01 -15.68
N PRO C 146 -0.59 -7.15 -15.31
CA PRO C 146 -0.20 -7.55 -13.96
C PRO C 146 -0.55 -6.52 -12.89
N ASP C 147 -0.70 -5.26 -13.30
CA ASP C 147 -1.04 -4.17 -12.38
C ASP C 147 -2.55 -3.95 -12.24
N GLN C 148 -3.35 -4.89 -12.76
CA GLN C 148 -4.82 -4.79 -12.67
C GLN C 148 -5.46 -6.04 -12.04
N PRO C 149 -5.18 -6.30 -10.74
CA PRO C 149 -5.72 -7.50 -10.11
C PRO C 149 -7.20 -7.37 -9.70
N ALA C 150 -7.92 -8.48 -9.81
CA ALA C 150 -9.28 -8.60 -9.30
C ALA C 150 -9.41 -9.93 -8.57
N VAL C 151 -10.11 -9.91 -7.44
CA VAL C 151 -10.30 -11.09 -6.61
C VAL C 151 -11.45 -11.93 -7.13
N ILE C 152 -11.19 -13.23 -7.32
CA ILE C 152 -12.24 -14.20 -7.61
C ILE C 152 -12.47 -15.09 -6.38
N LYS C 153 -13.66 -14.98 -5.80
CA LYS C 153 -14.03 -15.76 -4.63
C LYS C 153 -15.00 -16.86 -5.04
N THR C 154 -14.59 -18.12 -4.83
CA THR C 154 -15.40 -19.27 -5.18
C THR C 154 -15.93 -19.93 -3.91
N THR C 155 -17.24 -20.15 -3.88
CA THR C 155 -17.90 -20.72 -2.72
C THR C 155 -18.76 -21.91 -3.13
N PHE C 156 -18.71 -22.99 -2.36
CA PHE C 156 -19.44 -24.21 -2.67
C PHE C 156 -20.58 -24.46 -1.69
N ASN C 157 -21.75 -24.78 -2.24
CA ASN C 157 -22.93 -25.19 -1.47
C ASN C 157 -23.36 -24.20 -0.37
N GLN C 158 -23.35 -22.92 -0.70
CA GLN C 158 -23.75 -21.89 0.25
C GLN C 158 -24.98 -21.08 -0.18
N GLU C 159 -25.56 -21.47 -1.31
CA GLU C 159 -26.81 -20.88 -1.76
C GLU C 159 -28.00 -21.73 -1.32
N THR C 160 -29.06 -21.07 -0.89
CA THR C 160 -30.33 -21.73 -0.59
C THR C 160 -31.18 -21.83 -1.86
N GLY C 161 -32.17 -22.72 -1.84
CA GLY C 161 -33.06 -22.92 -2.99
C GLY C 161 -32.51 -23.89 -4.02
N CYS C 162 -31.54 -24.70 -3.59
CA CYS C 162 -30.88 -25.68 -4.45
C CYS C 162 -30.18 -26.73 -3.58
N GLU C 163 -29.78 -27.85 -4.20
CA GLU C 163 -29.00 -28.88 -3.52
C GLU C 163 -27.51 -28.59 -3.52
N TYR C 164 -27.01 -28.14 -4.67
CA TYR C 164 -25.59 -27.84 -4.84
C TYR C 164 -25.43 -26.47 -5.47
N SER C 165 -24.30 -25.81 -5.19
CA SER C 165 -24.01 -24.53 -5.80
C SER C 165 -22.51 -24.22 -5.88
N ILE C 166 -22.10 -23.63 -6.98
CA ILE C 166 -20.78 -23.02 -7.11
C ILE C 166 -21.00 -21.57 -7.51
N THR C 167 -20.56 -20.65 -6.66
CA THR C 167 -20.70 -19.22 -6.93
C THR C 167 -19.35 -18.55 -7.11
N PHE C 168 -19.27 -17.66 -8.09
CA PHE C 168 -18.06 -16.87 -8.33
C PHE C 168 -18.34 -15.41 -8.02
N ASN C 169 -17.63 -14.86 -7.04
CA ASN C 169 -17.71 -13.45 -6.71
C ASN C 169 -16.47 -12.71 -7.18
N PHE C 170 -16.67 -11.76 -8.09
CA PHE C 170 -15.58 -10.91 -8.57
C PHE C 170 -15.62 -9.58 -7.84
N SER C 171 -14.48 -9.18 -7.29
CA SER C 171 -14.36 -7.89 -6.61
C SER C 171 -12.97 -7.28 -6.81
N TRP C 172 -12.91 -5.95 -6.72
CA TRP C 172 -11.66 -5.22 -6.84
C TRP C 172 -11.63 -4.05 -5.88
N SER C 173 -10.43 -3.70 -5.42
CA SER C 173 -10.26 -2.61 -4.46
C SER C 173 -9.50 -1.41 -5.04
N LYS C 174 -9.03 -1.56 -6.28
CA LYS C 174 -8.33 -0.48 -6.97
C LYS C 174 -9.30 0.34 -7.83
N THR C 175 -8.97 1.61 -8.03
CA THR C 175 -9.80 2.52 -8.82
C THR C 175 -9.45 2.41 -10.31
N TYR C 176 -10.25 1.66 -11.05
CA TYR C 176 -10.00 1.43 -12.47
C TYR C 176 -10.79 2.40 -13.35
N GLU C 177 -10.11 2.97 -14.34
CA GLU C 177 -10.73 3.92 -15.27
C GLU C 177 -10.65 3.39 -16.70
N ASN C 178 -11.81 3.17 -17.31
CA ASN C 178 -11.94 2.59 -18.65
C ASN C 178 -11.15 1.30 -18.85
N VAL C 179 -11.46 0.31 -18.01
CA VAL C 179 -10.82 -1.00 -18.08
C VAL C 179 -11.85 -2.06 -18.45
N GLU C 180 -11.58 -2.78 -19.54
CA GLU C 180 -12.46 -3.84 -20.01
C GLU C 180 -12.34 -5.07 -19.11
N PHE C 181 -13.47 -5.56 -18.64
CA PHE C 181 -13.50 -6.71 -17.74
C PHE C 181 -13.42 -8.03 -18.50
N GLU C 182 -12.22 -8.35 -18.96
CA GLU C 182 -11.90 -9.67 -19.50
C GLU C 182 -10.63 -10.19 -18.82
N THR C 183 -10.71 -11.42 -18.31
CA THR C 183 -9.77 -11.90 -17.32
C THR C 183 -8.85 -13.02 -17.79
N THR C 184 -7.74 -13.17 -17.08
CA THR C 184 -6.88 -14.34 -17.19
C THR C 184 -7.57 -15.55 -16.54
N SER C 185 -7.05 -16.75 -16.80
CA SER C 185 -7.63 -17.98 -16.25
C SER C 185 -7.11 -18.29 -14.84
N PHE C 186 -7.94 -18.98 -14.05
CA PHE C 186 -7.55 -19.44 -12.72
C PHE C 186 -7.94 -20.90 -12.52
N THR C 187 -7.04 -21.66 -11.91
CA THR C 187 -7.27 -23.08 -11.66
C THR C 187 -7.41 -23.36 -10.16
N PHE C 188 -8.46 -24.10 -9.82
CA PHE C 188 -8.70 -24.56 -8.45
C PHE C 188 -9.26 -25.98 -8.49
N SER C 189 -9.43 -26.59 -7.31
CA SER C 189 -10.09 -27.88 -7.22
C SER C 189 -10.98 -27.97 -5.97
N TYR C 190 -11.86 -28.95 -5.96
CA TYR C 190 -12.71 -29.23 -4.80
C TYR C 190 -13.02 -30.72 -4.71
N ILE C 191 -13.45 -31.15 -3.53
CA ILE C 191 -13.82 -32.54 -3.28
C ILE C 191 -15.18 -32.83 -3.89
N ALA C 192 -15.25 -33.95 -4.61
CA ALA C 192 -16.45 -34.36 -5.33
C ALA C 192 -17.40 -35.17 -4.44
N GLN C 193 -18.69 -35.09 -4.73
CA GLN C 193 -19.73 -35.77 -3.96
C GLN C 193 -19.61 -37.29 -4.03
N GLU C 194 -19.27 -37.81 -5.22
CA GLU C 194 -19.03 -39.25 -5.41
C GLU C 194 -18.02 -39.50 -6.52
N ASP D 11 -4.69 5.06 9.82
CA ASP D 11 -3.39 4.79 9.14
C ASP D 11 -3.01 5.92 8.18
N THR D 12 -4.01 6.43 7.46
CA THR D 12 -3.82 7.54 6.52
C THR D 12 -5.11 8.39 6.41
N ARG D 13 -6.06 8.09 7.29
CA ARG D 13 -7.36 8.76 7.29
C ARG D 13 -7.28 10.16 7.93
N THR D 14 -8.44 10.69 8.30
CA THR D 14 -8.51 12.03 8.89
C THR D 14 -9.47 12.07 10.07
N LEU D 15 -8.96 12.53 11.21
CA LEU D 15 -9.77 12.76 12.40
C LEU D 15 -10.04 14.26 12.50
N TRP D 16 -11.33 14.64 12.46
CA TRP D 16 -11.69 16.07 12.40
C TRP D 16 -12.98 16.43 13.15
N THR D 17 -13.28 17.73 13.16
CA THR D 17 -14.44 18.27 13.87
C THR D 17 -15.60 18.59 12.92
N THR D 18 -15.43 18.26 11.64
CA THR D 18 -16.30 18.72 10.52
C THR D 18 -16.09 20.22 10.24
N PRO D 19 -16.15 20.61 8.95
CA PRO D 19 -15.79 21.97 8.57
C PRO D 19 -16.98 22.94 8.47
N ASP D 20 -18.03 22.70 9.26
CA ASP D 20 -19.16 23.62 9.28
C ASP D 20 -18.96 24.76 10.29
N THR D 21 -19.97 25.60 10.47
CA THR D 21 -19.88 26.73 11.40
C THR D 21 -20.75 26.50 12.64
N SER D 22 -21.18 25.25 12.84
CA SER D 22 -22.01 24.88 13.98
C SER D 22 -21.16 24.65 15.23
N PRO D 23 -21.42 25.43 16.30
CA PRO D 23 -20.68 25.38 17.57
C PRO D 23 -20.48 23.96 18.11
N ASN D 24 -19.27 23.70 18.61
CA ASN D 24 -18.89 22.38 19.09
C ASN D 24 -17.97 22.42 20.32
N CYS D 25 -17.77 23.62 20.86
CA CYS D 25 -16.76 23.85 21.89
C CYS D 25 -17.27 24.79 22.99
N THR D 26 -16.74 24.58 24.19
CA THR D 26 -17.17 25.31 25.38
C THR D 26 -15.94 25.90 26.10
N ILE D 27 -15.82 27.23 26.07
CA ILE D 27 -14.70 27.91 26.71
C ILE D 27 -15.11 28.52 28.05
N ALA D 28 -16.08 29.43 28.01
CA ALA D 28 -16.60 30.09 29.22
C ALA D 28 -18.04 29.69 29.50
N GLN D 29 -18.78 29.38 28.44
CA GLN D 29 -20.16 28.91 28.55
C GLN D 29 -20.48 27.90 27.45
N ASP D 30 -21.56 27.13 27.65
CA ASP D 30 -21.93 26.03 26.76
C ASP D 30 -22.07 26.44 25.29
N LYS D 31 -21.36 25.74 24.42
CA LYS D 31 -21.34 25.97 22.97
C LYS D 31 -21.16 27.45 22.59
N ASP D 32 -20.12 28.08 23.15
CA ASP D 32 -19.82 29.49 22.86
C ASP D 32 -18.89 29.67 21.67
N SER D 33 -18.43 28.56 21.08
CA SER D 33 -17.40 28.60 20.05
C SER D 33 -17.40 27.38 19.13
N LYS D 34 -16.92 27.58 17.91
CA LYS D 34 -16.65 26.50 16.96
C LYS D 34 -15.15 26.35 16.77
N LEU D 35 -14.63 25.19 17.18
CA LEU D 35 -13.25 24.83 16.92
C LEU D 35 -13.18 23.96 15.68
N THR D 36 -12.51 24.46 14.64
CA THR D 36 -12.31 23.69 13.42
C THR D 36 -10.91 23.11 13.43
N LEU D 37 -10.82 21.83 13.79
CA LEU D 37 -9.55 21.11 13.85
C LEU D 37 -9.58 19.90 12.91
N VAL D 38 -8.52 19.77 12.13
CA VAL D 38 -8.38 18.66 11.18
C VAL D 38 -7.01 18.00 11.40
N LEU D 39 -7.03 16.75 11.82
CA LEU D 39 -5.82 15.97 12.05
C LEU D 39 -5.72 14.88 11.00
N THR D 40 -4.68 14.94 10.18
CA THR D 40 -4.48 13.96 9.10
C THR D 40 -3.18 13.18 9.28
N LYS D 41 -3.29 11.85 9.26
CA LYS D 41 -2.14 10.98 9.46
C LYS D 41 -1.32 10.82 8.19
N CYS D 42 -0.16 11.47 8.18
CA CYS D 42 0.81 11.33 7.10
C CYS D 42 2.00 10.53 7.60
N GLY D 43 1.73 9.28 7.98
CA GLY D 43 2.76 8.39 8.49
C GLY D 43 3.13 8.66 9.93
N SER D 44 4.42 8.94 10.16
CA SER D 44 4.97 9.17 11.49
C SER D 44 4.59 10.52 12.09
N GLN D 45 4.13 11.43 11.24
CA GLN D 45 3.69 12.75 11.68
C GLN D 45 2.19 12.93 11.42
N ILE D 46 1.56 13.75 12.26
CA ILE D 46 0.18 14.15 12.05
C ILE D 46 0.17 15.59 11.54
N LEU D 47 -0.37 15.78 10.34
CA LEU D 47 -0.53 17.11 9.77
C LEU D 47 -1.82 17.72 10.30
N ALA D 48 -1.68 18.83 11.03
CA ALA D 48 -2.79 19.44 11.75
C ALA D 48 -3.11 20.83 11.26
N ASN D 49 -4.41 21.13 11.17
CA ASN D 49 -4.90 22.42 10.71
C ASN D 49 -6.00 22.92 11.64
N VAL D 50 -5.90 24.18 12.05
CA VAL D 50 -6.76 24.71 13.11
C VAL D 50 -7.23 26.15 12.87
N SER D 51 -8.48 26.42 13.25
CA SER D 51 -9.03 27.77 13.28
C SER D 51 -10.11 27.83 14.37
N LEU D 52 -10.44 29.05 14.81
CA LEU D 52 -11.43 29.23 15.85
C LEU D 52 -12.44 30.34 15.57
N ILE D 53 -13.71 30.04 15.82
CA ILE D 53 -14.76 31.03 15.80
C ILE D 53 -15.43 31.04 17.17
N VAL D 54 -15.36 32.17 17.86
CA VAL D 54 -16.11 32.36 19.11
C VAL D 54 -17.37 33.15 18.77
N VAL D 55 -18.52 32.59 19.16
CA VAL D 55 -19.82 33.15 18.75
C VAL D 55 -20.62 33.82 19.87
N ALA D 56 -20.28 33.49 21.12
CA ALA D 56 -21.02 33.99 22.27
C ALA D 56 -20.18 34.06 23.54
N GLY D 57 -20.66 34.83 24.51
CA GLY D 57 -20.09 34.84 25.84
C GLY D 57 -18.91 35.77 26.06
N LYS D 58 -18.14 35.45 27.09
CA LYS D 58 -17.01 36.25 27.57
C LYS D 58 -15.98 36.63 26.49
N TYR D 59 -15.73 35.71 25.58
CA TYR D 59 -14.66 35.88 24.60
C TYR D 59 -15.16 36.18 23.17
N HIS D 60 -16.46 36.46 23.04
CA HIS D 60 -17.04 36.74 21.73
C HIS D 60 -16.51 38.05 21.12
N ILE D 61 -16.65 39.15 21.86
CA ILE D 61 -16.21 40.46 21.38
C ILE D 61 -15.20 41.04 22.36
N ILE D 62 -13.93 41.08 21.94
CA ILE D 62 -12.85 41.56 22.79
C ILE D 62 -12.82 43.08 22.86
N ASN D 63 -12.94 43.60 24.07
CA ASN D 63 -12.81 45.02 24.34
C ASN D 63 -11.90 45.26 25.54
N ASN D 64 -10.60 45.44 25.28
CA ASN D 64 -9.61 45.60 26.34
C ASN D 64 -9.55 47.01 26.93
N LYS D 65 -10.42 47.90 26.45
CA LYS D 65 -10.60 49.21 27.07
C LYS D 65 -11.56 49.09 28.25
N THR D 66 -12.64 48.34 28.05
CA THR D 66 -13.63 48.09 29.11
C THR D 66 -13.26 46.87 29.95
N ASN D 67 -12.64 45.88 29.33
CA ASN D 67 -12.19 44.67 30.02
C ASN D 67 -10.69 44.42 29.80
N PRO D 68 -9.83 45.12 30.56
CA PRO D 68 -8.38 45.10 30.33
C PRO D 68 -7.69 43.77 30.65
N LYS D 69 -8.33 42.91 31.46
CA LYS D 69 -7.72 41.66 31.91
C LYS D 69 -8.07 40.44 31.05
N ILE D 70 -9.13 40.56 30.25
CA ILE D 70 -9.51 39.49 29.33
C ILE D 70 -8.52 39.46 28.17
N LYS D 71 -7.48 38.64 28.33
CA LYS D 71 -6.35 38.61 27.40
C LYS D 71 -5.99 37.20 26.92
N SER D 72 -6.55 36.18 27.57
CA SER D 72 -6.19 34.79 27.28
C SER D 72 -7.26 33.76 27.65
N PHE D 73 -7.31 32.68 26.88
CA PHE D 73 -8.13 31.51 27.19
C PHE D 73 -7.53 30.24 26.59
N THR D 74 -7.94 29.08 27.12
CA THR D 74 -7.39 27.79 26.70
C THR D 74 -8.46 26.76 26.35
N ILE D 75 -8.23 26.02 25.28
CA ILE D 75 -9.10 24.92 24.86
C ILE D 75 -8.34 23.60 24.96
N LYS D 76 -8.84 22.70 25.80
CA LYS D 76 -8.18 21.43 26.07
C LYS D 76 -8.86 20.25 25.39
N LEU D 77 -8.07 19.40 24.75
CA LEU D 77 -8.55 18.15 24.18
C LEU D 77 -7.86 16.98 24.88
N LEU D 78 -8.62 16.26 25.68
CA LEU D 78 -8.08 15.16 26.49
C LEU D 78 -8.43 13.81 25.87
N PHE D 79 -7.47 12.89 25.88
CA PHE D 79 -7.65 11.55 25.30
C PHE D 79 -7.26 10.44 26.27
N ASN D 80 -7.97 9.32 26.21
CA ASN D 80 -7.64 8.15 27.02
C ASN D 80 -6.55 7.30 26.34
N LYS D 81 -6.35 6.07 26.84
CA LYS D 81 -5.33 5.16 26.31
C LYS D 81 -5.57 4.79 24.84
N ASN D 82 -6.83 4.75 24.43
CA ASN D 82 -7.21 4.39 23.07
C ASN D 82 -7.33 5.58 22.10
N GLY D 83 -7.11 6.78 22.63
CA GLY D 83 -7.17 8.00 21.82
C GLY D 83 -8.57 8.57 21.66
N VAL D 84 -9.51 8.06 22.47
CA VAL D 84 -10.89 8.55 22.48
C VAL D 84 -10.96 9.83 23.30
N LEU D 85 -11.72 10.81 22.79
CA LEU D 85 -11.88 12.10 23.43
C LEU D 85 -12.63 11.98 24.76
N LEU D 86 -12.03 12.53 25.81
CA LEU D 86 -12.59 12.45 27.16
C LEU D 86 -13.68 13.50 27.40
N ASP D 87 -14.60 13.18 28.30
CA ASP D 87 -15.83 13.94 28.53
C ASP D 87 -15.59 15.40 28.97
N ASN D 88 -14.57 15.60 29.81
CA ASN D 88 -14.29 16.94 30.36
C ASN D 88 -13.40 17.84 29.47
N SER D 89 -13.24 17.45 28.22
CA SER D 89 -12.57 18.28 27.22
C SER D 89 -13.46 19.46 26.83
N ASN D 90 -12.85 20.55 26.38
CA ASN D 90 -13.61 21.70 25.90
C ASN D 90 -14.35 21.40 24.60
N LEU D 91 -13.79 20.50 23.80
CA LEU D 91 -14.44 20.03 22.58
C LEU D 91 -15.45 18.92 22.89
N GLY D 92 -16.63 19.02 22.28
CA GLY D 92 -17.68 18.02 22.45
C GLY D 92 -17.41 16.76 21.66
N LYS D 93 -17.79 15.62 22.24
CA LYS D 93 -17.59 14.31 21.62
C LYS D 93 -18.47 14.08 20.39
N ALA D 94 -19.56 14.83 20.32
CA ALA D 94 -20.62 14.63 19.31
C ALA D 94 -20.13 14.59 17.85
N TYR D 95 -19.23 15.49 17.48
CA TYR D 95 -18.77 15.56 16.10
C TYR D 95 -17.24 15.53 15.93
N TRP D 96 -16.57 14.85 16.85
CA TRP D 96 -15.15 14.56 16.74
C TRP D 96 -14.97 13.10 16.35
N ASN D 97 -14.77 12.87 15.05
CA ASN D 97 -14.74 11.52 14.48
C ASN D 97 -14.01 11.49 13.13
N PHE D 98 -13.85 10.30 12.57
CA PHE D 98 -13.21 10.13 11.26
C PHE D 98 -14.05 10.66 10.12
N ARG D 99 -13.40 11.24 9.12
CA ARG D 99 -14.06 11.85 7.97
C ARG D 99 -14.82 10.83 7.10
N SER D 100 -15.97 11.25 6.61
CA SER D 100 -16.71 10.53 5.58
C SER D 100 -17.45 11.54 4.70
N GLY D 101 -16.87 11.86 3.55
CA GLY D 101 -17.42 12.86 2.63
C GLY D 101 -17.18 14.27 3.14
N ASN D 102 -18.22 14.88 3.67
CA ASN D 102 -18.12 16.19 4.32
C ASN D 102 -18.58 16.12 5.78
N SER D 103 -18.88 14.90 6.22
CA SER D 103 -19.36 14.64 7.57
C SER D 103 -18.51 13.57 8.24
N ASN D 104 -19.06 12.94 9.28
CA ASN D 104 -18.37 11.88 10.01
C ASN D 104 -18.98 10.50 9.76
N VAL D 105 -18.21 9.45 10.05
CA VAL D 105 -18.71 8.07 9.99
C VAL D 105 -19.84 7.86 10.99
N SER D 106 -20.77 6.95 10.64
CA SER D 106 -21.99 6.75 11.42
C SER D 106 -21.77 6.28 12.86
N THR D 107 -20.60 5.68 13.11
CA THR D 107 -20.26 5.16 14.43
C THR D 107 -19.07 5.91 15.04
N ALA D 108 -19.15 6.17 16.35
CA ALA D 108 -18.05 6.76 17.10
C ALA D 108 -16.84 5.82 17.12
N TYR D 109 -15.65 6.36 16.95
CA TYR D 109 -14.45 5.55 16.78
C TYR D 109 -13.99 4.85 18.06
N GLU D 110 -13.35 3.69 17.89
CA GLU D 110 -12.88 2.88 19.00
C GLU D 110 -11.42 3.19 19.34
N LYS D 111 -10.58 3.28 18.32
CA LYS D 111 -9.14 3.49 18.51
C LYS D 111 -8.56 4.54 17.56
N ALA D 112 -7.72 5.41 18.10
CA ALA D 112 -7.04 6.45 17.32
C ALA D 112 -5.66 6.77 17.89
N ILE D 113 -4.98 5.73 18.37
CA ILE D 113 -3.65 5.86 18.98
C ILE D 113 -2.62 6.40 17.99
N GLY D 114 -2.84 6.10 16.70
CA GLY D 114 -1.97 6.59 15.62
C GLY D 114 -2.06 8.09 15.39
N PHE D 115 -3.08 8.73 15.94
CA PHE D 115 -3.25 10.17 15.84
C PHE D 115 -2.82 10.90 17.11
N MET D 116 -2.38 10.13 18.10
CA MET D 116 -1.99 10.68 19.40
C MET D 116 -0.56 11.20 19.38
N PRO D 117 -0.28 12.28 20.14
CA PRO D 117 1.08 12.79 20.25
C PRO D 117 2.00 11.79 20.94
N ASN D 118 3.21 11.66 20.40
CA ASN D 118 4.20 10.71 20.88
C ASN D 118 4.66 11.00 22.32
N LEU D 119 4.53 10.00 23.18
CA LEU D 119 4.87 10.14 24.60
C LEU D 119 6.36 10.27 24.89
N VAL D 120 7.20 9.65 24.06
CA VAL D 120 8.65 9.78 24.19
C VAL D 120 9.10 11.17 23.72
N ALA D 121 8.45 11.67 22.68
CA ALA D 121 8.70 13.02 22.17
C ALA D 121 8.12 14.09 23.09
N TYR D 122 6.90 13.86 23.56
CA TYR D 122 6.19 14.82 24.41
C TYR D 122 5.69 14.14 25.67
N PRO D 123 6.55 14.01 26.69
CA PRO D 123 6.21 13.28 27.92
C PRO D 123 5.29 14.06 28.85
N LYS D 124 4.49 13.32 29.62
CA LYS D 124 3.60 13.88 30.65
C LYS D 124 4.41 14.62 31.72
N PRO D 125 3.75 15.50 32.51
CA PRO D 125 4.45 16.16 33.61
C PRO D 125 5.07 15.14 34.58
N SER D 126 6.29 15.42 35.01
CA SER D 126 7.01 14.52 35.93
C SER D 126 8.05 15.29 36.76
N ASN D 127 8.90 14.53 37.45
CA ASN D 127 10.01 15.09 38.24
C ASN D 127 11.23 15.43 37.39
N SER D 128 11.30 14.84 36.20
CA SER D 128 12.40 15.06 35.26
C SER D 128 12.35 16.46 34.66
N LYS D 129 13.41 16.82 33.94
CA LYS D 129 13.48 18.11 33.26
C LYS D 129 12.41 18.21 32.17
N LYS D 130 11.67 19.32 32.19
CA LYS D 130 10.64 19.59 31.19
C LYS D 130 11.28 20.29 29.99
N TYR D 131 10.98 19.79 28.80
CA TYR D 131 11.52 20.38 27.57
C TYR D 131 10.45 21.11 26.76
N ALA D 132 10.90 22.12 26.01
CA ALA D 132 10.01 23.00 25.25
C ALA D 132 9.54 22.41 23.92
N ARG D 133 10.13 21.28 23.50
CA ARG D 133 9.82 20.70 22.20
C ARG D 133 8.37 20.21 22.06
N ASP D 134 7.65 20.10 23.18
CA ASP D 134 6.24 19.72 23.19
C ASP D 134 5.30 20.92 22.93
N ILE D 135 5.90 22.09 22.72
CA ILE D 135 5.15 23.31 22.41
C ILE D 135 5.35 23.70 20.94
N VAL D 136 4.26 24.12 20.29
CA VAL D 136 4.35 24.76 18.98
C VAL D 136 3.68 26.14 19.06
N TYR D 137 4.42 27.16 18.61
CA TYR D 137 3.89 28.51 18.57
C TYR D 137 3.48 28.91 17.15
N GLY D 138 2.37 29.65 17.06
CA GLY D 138 1.89 30.18 15.79
C GLY D 138 1.11 31.46 16.00
N THR D 139 0.87 32.18 14.91
CA THR D 139 0.14 33.44 14.97
C THR D 139 -1.02 33.43 13.99
N ILE D 140 -2.23 33.62 14.51
CA ILE D 140 -3.43 33.79 13.69
C ILE D 140 -3.94 35.23 13.81
N TYR D 141 -4.89 35.58 12.95
CA TYR D 141 -5.34 36.96 12.86
C TYR D 141 -6.86 37.08 12.92
N LEU D 142 -7.31 37.93 13.83
CA LEU D 142 -8.74 38.11 14.11
C LEU D 142 -9.40 38.92 13.00
N GLY D 143 -10.50 38.37 12.46
CA GLY D 143 -11.22 39.01 11.36
C GLY D 143 -10.45 38.98 10.05
N GLY D 144 -9.36 38.21 10.03
CA GLY D 144 -8.49 38.14 8.87
C GLY D 144 -7.77 39.45 8.60
N LYS D 145 -7.56 40.23 9.66
CA LYS D 145 -6.87 41.52 9.55
C LYS D 145 -5.42 41.39 10.01
N PRO D 146 -4.48 41.83 9.14
CA PRO D 146 -3.04 41.67 9.38
C PRO D 146 -2.53 42.40 10.64
N ASP D 147 -3.21 43.48 11.01
CA ASP D 147 -2.81 44.26 12.19
C ASP D 147 -3.47 43.78 13.49
N GLN D 148 -4.14 42.63 13.44
CA GLN D 148 -4.82 42.08 14.61
C GLN D 148 -4.36 40.64 14.94
N PRO D 149 -3.07 40.46 15.28
CA PRO D 149 -2.57 39.11 15.60
C PRO D 149 -2.95 38.62 16.99
N ALA D 150 -3.11 37.31 17.12
CA ALA D 150 -3.15 36.64 18.41
C ALA D 150 -2.24 35.40 18.36
N VAL D 151 -1.65 35.06 19.50
CA VAL D 151 -0.75 33.90 19.58
C VAL D 151 -1.53 32.63 19.89
N ILE D 152 -1.36 31.62 19.04
CA ILE D 152 -1.87 30.28 19.33
C ILE D 152 -0.73 29.35 19.80
N LYS D 153 -0.85 28.91 21.05
CA LYS D 153 0.16 28.07 21.69
C LYS D 153 -0.35 26.64 21.87
N THR D 154 0.22 25.71 21.10
CA THR D 154 -0.19 24.30 21.14
C THR D 154 0.79 23.47 21.97
N THR D 155 0.27 22.77 22.97
CA THR D 155 1.06 21.95 23.88
C THR D 155 0.56 20.51 23.87
N PHE D 156 1.48 19.56 23.76
CA PHE D 156 1.15 18.14 23.72
C PHE D 156 1.47 17.41 25.02
N ASN D 157 0.50 16.64 25.49
CA ASN D 157 0.66 15.76 26.65
C ASN D 157 1.17 16.46 27.92
N GLN D 158 0.53 17.56 28.29
CA GLN D 158 0.87 18.26 29.52
C GLN D 158 -0.34 18.43 30.45
N GLU D 159 -1.35 17.60 30.22
CA GLU D 159 -2.54 17.58 31.06
C GLU D 159 -2.60 16.32 31.91
N THR D 160 -3.25 16.41 33.06
CA THR D 160 -3.40 15.29 33.97
C THR D 160 -4.81 14.70 33.86
N GLY D 161 -4.95 13.45 34.29
CA GLY D 161 -6.24 12.75 34.19
C GLY D 161 -6.54 12.33 32.76
N CYS D 162 -5.47 12.00 32.02
CA CYS D 162 -5.57 11.52 30.65
C CYS D 162 -4.26 10.82 30.27
N GLU D 163 -4.29 10.07 29.16
CA GLU D 163 -3.08 9.44 28.63
C GLU D 163 -2.42 10.32 27.56
N TYR D 164 -3.25 11.09 26.86
CA TYR D 164 -2.80 12.01 25.82
C TYR D 164 -3.62 13.30 25.87
N SER D 165 -3.02 14.40 25.40
CA SER D 165 -3.72 15.69 25.36
C SER D 165 -3.12 16.68 24.35
N ILE D 166 -4.01 17.49 23.78
CA ILE D 166 -3.62 18.62 22.94
C ILE D 166 -4.37 19.87 23.43
N THR D 167 -3.61 20.88 23.82
CA THR D 167 -4.20 22.12 24.35
C THR D 167 -3.85 23.32 23.48
N PHE D 168 -4.83 24.17 23.23
CA PHE D 168 -4.63 25.39 22.48
C PHE D 168 -4.83 26.61 23.38
N ASN D 169 -3.74 27.35 23.61
CA ASN D 169 -3.83 28.61 24.32
C ASN D 169 -3.86 29.79 23.35
N PHE D 170 -4.89 30.62 23.49
CA PHE D 170 -5.04 31.82 22.70
C PHE D 170 -4.78 33.04 23.58
N SER D 171 -3.83 33.87 23.17
CA SER D 171 -3.50 35.09 23.92
C SER D 171 -3.12 36.22 22.98
N TRP D 172 -3.21 37.46 23.49
CA TRP D 172 -2.89 38.64 22.71
C TRP D 172 -2.35 39.75 23.60
N SER D 173 -1.45 40.57 23.04
CA SER D 173 -0.78 41.64 23.76
C SER D 173 -1.39 43.01 23.47
N LYS D 174 -1.97 43.17 22.29
CA LYS D 174 -2.58 44.43 21.87
C LYS D 174 -3.89 44.71 22.59
N THR D 175 -4.20 45.99 22.74
CA THR D 175 -5.46 46.42 23.34
C THR D 175 -6.52 46.57 22.23
N TYR D 176 -7.33 45.52 22.06
CA TYR D 176 -8.36 45.51 21.03
C TYR D 176 -9.67 46.14 21.49
N GLU D 177 -10.26 46.95 20.62
CA GLU D 177 -11.53 47.61 20.90
C GLU D 177 -12.63 47.06 19.98
N ASN D 178 -13.56 46.31 20.57
CA ASN D 178 -14.68 45.68 19.86
C ASN D 178 -14.24 44.81 18.68
N VAL D 179 -13.37 43.84 18.96
CA VAL D 179 -12.89 42.92 17.94
C VAL D 179 -13.50 41.53 18.14
N GLU D 180 -14.23 41.08 17.13
CA GLU D 180 -14.86 39.75 17.13
C GLU D 180 -13.81 38.66 17.03
N PHE D 181 -13.80 37.74 18.00
CA PHE D 181 -12.79 36.69 18.02
C PHE D 181 -13.14 35.53 17.09
N GLU D 182 -12.76 35.68 15.83
CA GLU D 182 -12.85 34.62 14.83
C GLU D 182 -11.62 34.70 13.94
N THR D 183 -10.99 33.56 13.69
CA THR D 183 -9.58 33.55 13.29
C THR D 183 -9.29 33.02 11.89
N THR D 184 -8.09 33.33 11.40
CA THR D 184 -7.50 32.67 10.23
C THR D 184 -7.03 31.27 10.62
N SER D 185 -6.57 30.50 9.63
CA SER D 185 -6.12 29.13 9.86
C SER D 185 -4.61 29.01 10.10
N PHE D 186 -4.24 28.09 10.99
CA PHE D 186 -2.84 27.76 11.24
C PHE D 186 -2.57 26.28 11.01
N THR D 187 -1.43 25.99 10.38
CA THR D 187 -1.01 24.62 10.12
C THR D 187 0.26 24.28 10.91
N PHE D 188 0.22 23.13 11.59
CA PHE D 188 1.39 22.58 12.27
C PHE D 188 1.42 21.06 12.15
N SER D 189 2.47 20.44 12.70
CA SER D 189 2.57 18.99 12.75
C SER D 189 3.18 18.54 14.07
N TYR D 190 2.99 17.26 14.39
CA TYR D 190 3.63 16.65 15.56
C TYR D 190 3.91 15.16 15.30
N ILE D 191 4.85 14.62 16.07
CA ILE D 191 5.24 13.22 15.96
C ILE D 191 4.16 12.33 16.57
N ALA D 192 3.76 11.31 15.82
CA ALA D 192 2.71 10.38 16.25
C ALA D 192 3.24 9.30 17.19
N GLN D 193 2.34 8.77 18.02
CA GLN D 193 2.66 7.69 18.95
C GLN D 193 2.94 6.37 18.22
N GLU D 194 2.14 6.09 17.18
CA GLU D 194 2.27 4.86 16.39
C GLU D 194 2.31 5.15 14.90
N ASP E 11 2.34 9.52 -11.04
CA ASP E 11 2.12 10.12 -9.68
C ASP E 11 1.02 11.18 -9.73
N THR E 12 -0.22 10.75 -9.44
CA THR E 12 -1.36 11.66 -9.38
C THR E 12 -1.66 12.10 -7.94
N ARG E 13 -0.61 12.22 -7.14
CA ARG E 13 -0.71 12.69 -5.76
C ARG E 13 -0.08 14.07 -5.58
N THR E 14 0.43 14.64 -6.68
CA THR E 14 1.08 15.95 -6.65
C THR E 14 0.71 16.81 -7.88
N LEU E 15 0.13 17.97 -7.62
CA LEU E 15 -0.07 19.01 -8.62
C LEU E 15 0.99 20.10 -8.41
N TRP E 16 1.69 20.46 -9.47
CA TRP E 16 2.74 21.48 -9.36
C TRP E 16 2.99 22.30 -10.64
N THR E 17 3.84 23.31 -10.52
CA THR E 17 4.19 24.20 -11.63
C THR E 17 5.54 23.83 -12.23
N THR E 18 6.06 22.64 -11.89
CA THR E 18 7.46 22.26 -12.10
C THR E 18 8.41 23.14 -11.26
N PRO E 19 9.54 22.57 -10.80
CA PRO E 19 10.41 23.35 -9.93
C PRO E 19 11.53 24.09 -10.68
N ASP E 20 11.33 24.39 -11.95
CA ASP E 20 12.31 25.15 -12.74
C ASP E 20 12.17 26.65 -12.52
N THR E 21 12.93 27.46 -13.29
CA THR E 21 12.88 28.91 -13.16
C THR E 21 12.30 29.60 -14.40
N SER E 22 11.60 28.84 -15.24
CA SER E 22 10.97 29.38 -16.44
CA SER E 22 10.97 29.38 -16.44
C SER E 22 9.67 30.11 -16.09
N PRO E 23 9.62 31.44 -16.33
CA PRO E 23 8.43 32.24 -16.01
C PRO E 23 7.12 31.61 -16.49
N ASN E 24 6.14 31.53 -15.60
CA ASN E 24 4.87 30.87 -15.87
C ASN E 24 3.66 31.68 -15.42
N CYS E 25 3.90 32.92 -15.00
CA CYS E 25 2.87 33.74 -14.36
C CYS E 25 2.87 35.18 -14.88
N THR E 26 1.67 35.77 -14.93
CA THR E 26 1.49 37.14 -15.41
C THR E 26 0.86 38.00 -14.30
N ILE E 27 1.68 38.84 -13.68
CA ILE E 27 1.20 39.76 -12.64
C ILE E 27 0.79 41.10 -13.25
N ALA E 28 1.74 41.74 -13.94
CA ALA E 28 1.52 43.06 -14.53
C ALA E 28 1.66 43.03 -16.04
N GLN E 29 2.69 42.35 -16.53
CA GLN E 29 2.90 42.12 -17.96
C GLN E 29 3.19 40.64 -18.23
N ASP E 30 3.08 40.24 -19.49
CA ASP E 30 3.18 38.83 -19.89
C ASP E 30 4.45 38.12 -19.38
N LYS E 31 4.25 37.01 -18.66
CA LYS E 31 5.33 36.16 -18.15
C LYS E 31 6.40 36.94 -17.37
N ASP E 32 5.96 37.80 -16.45
CA ASP E 32 6.88 38.63 -15.68
C ASP E 32 7.41 37.95 -14.42
N SER E 33 6.94 36.73 -14.17
CA SER E 33 7.24 36.04 -12.92
C SER E 33 7.13 34.52 -13.02
N LYS E 34 7.87 33.84 -12.13
CA LYS E 34 7.75 32.41 -11.93
C LYS E 34 7.13 32.13 -10.56
N LEU E 35 5.94 31.56 -10.57
CA LEU E 35 5.30 31.08 -9.35
C LEU E 35 5.60 29.60 -9.20
N THR E 36 6.31 29.24 -8.13
CA THR E 36 6.61 27.84 -7.85
C THR E 36 5.67 27.32 -6.77
N LEU E 37 4.65 26.58 -7.21
CA LEU E 37 3.65 26.03 -6.30
C LEU E 37 3.63 24.51 -6.38
N VAL E 38 3.63 23.85 -5.22
CA VAL E 38 3.56 22.40 -5.15
C VAL E 38 2.45 21.99 -4.19
N LEU E 39 1.45 21.30 -4.73
CA LEU E 39 0.33 20.81 -3.93
C LEU E 39 0.37 19.28 -3.87
N THR E 40 0.61 18.75 -2.67
CA THR E 40 0.68 17.32 -2.45
C THR E 40 -0.49 16.87 -1.60
N LYS E 41 -1.24 15.89 -2.10
CA LYS E 41 -2.42 15.41 -1.41
C LYS E 41 -2.07 14.43 -0.30
N CYS E 42 -2.57 14.72 0.89
CA CYS E 42 -2.46 13.83 2.03
C CYS E 42 -3.86 13.64 2.61
N GLY E 43 -4.70 12.91 1.87
CA GLY E 43 -6.07 12.68 2.27
C GLY E 43 -6.90 13.95 2.25
N SER E 44 -7.51 14.27 3.39
CA SER E 44 -8.38 15.44 3.52
C SER E 44 -7.62 16.78 3.58
N GLN E 45 -6.30 16.72 3.69
CA GLN E 45 -5.47 17.92 3.68
C GLN E 45 -4.52 17.97 2.49
N ILE E 46 -4.35 19.16 1.93
CA ILE E 46 -3.39 19.40 0.86
C ILE E 46 -2.19 20.14 1.43
N LEU E 47 -1.01 19.53 1.35
CA LEU E 47 0.22 20.18 1.79
C LEU E 47 0.77 21.06 0.68
N ALA E 48 0.87 22.37 0.96
CA ALA E 48 1.23 23.34 -0.06
C ALA E 48 2.56 24.02 0.23
N ASN E 49 3.37 24.14 -0.81
CA ASN E 49 4.65 24.82 -0.74
C ASN E 49 4.72 25.88 -1.83
N VAL E 50 5.08 27.10 -1.46
CA VAL E 50 5.03 28.22 -2.39
C VAL E 50 6.23 29.17 -2.28
N SER E 51 6.69 29.65 -3.43
CA SER E 51 7.67 30.73 -3.51
C SER E 51 7.41 31.53 -4.78
N LEU E 52 7.99 32.73 -4.86
CA LEU E 52 7.80 33.58 -6.02
C LEU E 52 9.09 34.22 -6.50
N ILE E 53 9.27 34.24 -7.82
CA ILE E 53 10.35 34.96 -8.46
C ILE E 53 9.76 35.90 -9.51
N VAL E 54 9.99 37.20 -9.35
CA VAL E 54 9.63 38.17 -10.37
C VAL E 54 10.88 38.48 -11.19
N VAL E 55 10.79 38.36 -12.51
CA VAL E 55 11.96 38.54 -13.39
C VAL E 55 11.97 39.86 -14.16
N ALA E 56 10.78 40.42 -14.40
CA ALA E 56 10.66 41.64 -15.20
C ALA E 56 9.46 42.49 -14.78
N GLY E 57 9.45 43.74 -15.24
CA GLY E 57 8.29 44.60 -15.13
C GLY E 57 8.16 45.40 -13.84
N LYS E 58 6.91 45.72 -13.51
CA LYS E 58 6.53 46.60 -12.41
C LYS E 58 7.00 46.15 -11.03
N TYR E 59 6.94 44.84 -10.77
CA TYR E 59 7.24 44.31 -9.44
C TYR E 59 8.60 43.58 -9.35
N HIS E 60 9.46 43.79 -10.36
CA HIS E 60 10.77 43.15 -10.40
C HIS E 60 11.73 43.75 -9.36
N ILE E 61 11.96 45.05 -9.46
CA ILE E 61 12.86 45.75 -8.55
C ILE E 61 12.04 46.78 -7.77
N ILE E 62 11.76 46.47 -6.51
CA ILE E 62 10.97 47.33 -5.66
C ILE E 62 11.78 48.55 -5.22
N ASN E 63 11.21 49.74 -5.40
CA ASN E 63 11.78 50.98 -4.88
C ASN E 63 10.67 51.89 -4.37
N ASN E 64 10.49 51.90 -3.05
CA ASN E 64 9.41 52.65 -2.42
C ASN E 64 9.74 54.11 -2.09
N LYS E 65 10.99 54.51 -2.30
CA LYS E 65 11.36 55.92 -2.23
C LYS E 65 10.95 56.61 -3.54
N THR E 66 11.24 55.93 -4.64
CA THR E 66 10.88 56.39 -5.97
C THR E 66 9.40 56.14 -6.28
N ASN E 67 8.91 54.94 -5.95
CA ASN E 67 7.52 54.57 -6.18
C ASN E 67 6.84 54.17 -4.87
N PRO E 68 6.32 55.15 -4.11
CA PRO E 68 5.78 54.95 -2.77
C PRO E 68 4.47 54.15 -2.73
N LYS E 69 3.79 54.04 -3.86
CA LYS E 69 2.45 53.43 -3.91
C LYS E 69 2.46 51.96 -4.35
N ILE E 70 3.61 51.45 -4.77
CA ILE E 70 3.77 50.04 -5.10
C ILE E 70 4.07 49.25 -3.81
N LYS E 71 3.02 48.64 -3.25
CA LYS E 71 3.13 47.95 -1.96
C LYS E 71 2.51 46.55 -1.94
N SER E 72 1.69 46.24 -2.94
CA SER E 72 0.99 44.95 -3.00
C SER E 72 0.57 44.52 -4.39
N PHE E 73 0.42 43.21 -4.59
CA PHE E 73 -0.11 42.62 -5.81
C PHE E 73 -0.74 41.26 -5.52
N THR E 74 -1.51 40.76 -6.47
CA THR E 74 -2.31 39.55 -6.27
C THR E 74 -2.13 38.56 -7.41
N ILE E 75 -1.90 37.29 -7.05
CA ILE E 75 -1.82 36.19 -8.01
C ILE E 75 -3.02 35.28 -7.83
N LYS E 76 -3.81 35.09 -8.88
CA LYS E 76 -5.05 34.32 -8.81
C LYS E 76 -4.97 33.00 -9.54
N LEU E 77 -5.46 31.95 -8.88
CA LEU E 77 -5.62 30.63 -9.49
C LEU E 77 -7.10 30.25 -9.49
N LEU E 78 -7.72 30.30 -10.66
CA LEU E 78 -9.15 30.03 -10.79
C LEU E 78 -9.43 28.66 -11.39
N PHE E 79 -10.35 27.93 -10.76
CA PHE E 79 -10.66 26.56 -11.15
C PHE E 79 -12.15 26.36 -11.45
N ASN E 80 -12.45 25.42 -12.36
CA ASN E 80 -13.83 25.05 -12.65
C ASN E 80 -14.27 23.82 -11.86
N LYS E 81 -15.49 23.35 -12.13
CA LYS E 81 -16.10 22.22 -11.42
C LYS E 81 -15.23 20.95 -11.39
N ASN E 82 -14.30 20.86 -12.34
CA ASN E 82 -13.39 19.73 -12.44
C ASN E 82 -12.04 19.95 -11.74
N GLY E 83 -11.78 21.20 -11.37
CA GLY E 83 -10.51 21.57 -10.74
C GLY E 83 -9.44 21.90 -11.76
N VAL E 84 -9.87 22.33 -12.94
CA VAL E 84 -8.96 22.71 -14.02
C VAL E 84 -8.76 24.22 -14.02
N LEU E 85 -7.52 24.64 -14.25
CA LEU E 85 -7.16 26.06 -14.25
C LEU E 85 -7.80 26.80 -15.42
N LEU E 86 -8.26 28.02 -15.16
CA LEU E 86 -8.93 28.84 -16.18
C LEU E 86 -7.96 29.85 -16.80
N ASP E 87 -8.22 30.22 -18.06
CA ASP E 87 -7.31 31.08 -18.84
C ASP E 87 -7.10 32.48 -18.26
N ASN E 88 -8.09 32.97 -17.52
CA ASN E 88 -8.01 34.32 -16.93
C ASN E 88 -7.28 34.36 -15.58
N SER E 89 -6.73 33.21 -15.17
CA SER E 89 -5.85 33.15 -14.00
C SER E 89 -4.52 33.81 -14.33
N ASN E 90 -3.79 34.23 -13.29
CA ASN E 90 -2.47 34.81 -13.47
C ASN E 90 -1.45 33.76 -13.90
N LEU E 91 -1.65 32.53 -13.43
CA LEU E 91 -0.80 31.40 -13.81
C LEU E 91 -1.24 30.80 -15.15
N GLY E 92 -0.25 30.47 -15.98
CA GLY E 92 -0.51 29.85 -17.28
C GLY E 92 -0.79 28.36 -17.17
N LYS E 93 -1.68 27.86 -18.03
CA LYS E 93 -2.12 26.47 -18.02
C LYS E 93 -1.07 25.49 -18.54
N ALA E 94 -0.12 26.00 -19.33
CA ALA E 94 0.86 25.17 -20.04
C ALA E 94 1.65 24.19 -19.18
N TYR E 95 2.06 24.62 -17.98
CA TYR E 95 2.88 23.79 -17.11
C TYR E 95 2.32 23.60 -15.70
N TRP E 96 0.99 23.72 -15.58
CA TRP E 96 0.29 23.36 -14.34
C TRP E 96 -0.38 22.01 -14.54
N ASN E 97 0.29 20.96 -14.06
CA ASN E 97 -0.14 19.58 -14.31
C ASN E 97 0.38 18.63 -13.21
N PHE E 98 0.01 17.36 -13.31
CA PHE E 98 0.50 16.33 -12.39
C PHE E 98 1.97 16.00 -12.63
N ARG E 99 2.66 15.63 -11.57
CA ARG E 99 4.10 15.39 -11.60
C ARG E 99 4.49 14.06 -12.25
N SER E 100 5.47 14.13 -13.14
CA SER E 100 6.16 12.94 -13.65
C SER E 100 7.66 13.21 -13.59
N GLY E 101 8.29 12.70 -12.54
CA GLY E 101 9.71 12.94 -12.29
C GLY E 101 9.97 14.39 -11.90
N ASN E 102 10.78 15.08 -12.68
CA ASN E 102 11.05 16.51 -12.48
C ASN E 102 10.27 17.39 -13.45
N SER E 103 9.39 16.77 -14.23
CA SER E 103 8.55 17.46 -15.20
C SER E 103 7.07 17.09 -15.01
N ASN E 104 6.24 17.43 -15.99
CA ASN E 104 4.83 17.09 -15.96
C ASN E 104 4.50 15.88 -16.85
N VAL E 105 3.31 15.32 -16.67
CA VAL E 105 2.80 14.27 -17.55
C VAL E 105 2.51 14.84 -18.94
N SER E 106 2.65 14.00 -19.96
CA SER E 106 2.52 14.42 -21.36
C SER E 106 1.19 15.10 -21.68
N THR E 107 0.10 14.55 -21.15
CA THR E 107 -1.25 15.06 -21.39
C THR E 107 -1.75 15.91 -20.22
N ALA E 108 -2.44 17.01 -20.54
CA ALA E 108 -3.05 17.88 -19.54
C ALA E 108 -4.12 17.13 -18.74
N TYR E 109 -4.21 17.42 -17.44
CA TYR E 109 -5.15 16.75 -16.56
C TYR E 109 -6.59 17.18 -16.79
N GLU E 110 -7.53 16.32 -16.42
CA GLU E 110 -8.96 16.57 -16.63
C GLU E 110 -9.76 16.67 -15.35
N LYS E 111 -9.32 15.98 -14.31
CA LYS E 111 -9.98 16.01 -13.00
C LYS E 111 -8.97 16.17 -11.86
N ALA E 112 -9.21 17.17 -11.01
CA ALA E 112 -8.39 17.42 -9.83
C ALA E 112 -9.22 18.00 -8.69
N ILE E 113 -10.41 17.43 -8.49
CA ILE E 113 -11.33 17.87 -7.44
C ILE E 113 -10.78 17.56 -6.05
N GLY E 114 -9.95 16.53 -5.97
CA GLY E 114 -9.30 16.14 -4.71
C GLY E 114 -8.23 17.09 -4.22
N PHE E 115 -7.90 18.09 -5.02
CA PHE E 115 -6.89 19.08 -4.67
C PHE E 115 -7.49 20.45 -4.37
N MET E 116 -8.78 20.59 -4.62
CA MET E 116 -9.50 21.85 -4.46
C MET E 116 -9.83 22.15 -3.00
N PRO E 117 -9.86 23.44 -2.63
CA PRO E 117 -10.24 23.83 -1.26
C PRO E 117 -11.69 23.48 -0.97
N ASN E 118 -11.92 22.83 0.16
CA ASN E 118 -13.24 22.38 0.60
C ASN E 118 -14.24 23.54 0.67
N LEU E 119 -15.37 23.38 -0.02
CA LEU E 119 -16.38 24.43 -0.12
C LEU E 119 -17.20 24.67 1.15
N VAL E 120 -17.32 23.64 1.98
CA VAL E 120 -17.99 23.78 3.27
C VAL E 120 -17.09 24.56 4.23
N ALA E 121 -15.80 24.19 4.24
CA ALA E 121 -14.79 24.88 5.03
C ALA E 121 -14.58 26.31 4.55
N TYR E 122 -14.41 26.44 3.23
CA TYR E 122 -14.16 27.73 2.60
C TYR E 122 -15.24 28.01 1.55
N PRO E 123 -16.36 28.62 1.99
CA PRO E 123 -17.46 28.88 1.06
C PRO E 123 -17.23 30.11 0.19
N LYS E 124 -17.91 30.14 -0.97
CA LYS E 124 -17.89 31.28 -1.87
C LYS E 124 -18.66 32.45 -1.23
N PRO E 125 -18.33 33.70 -1.64
CA PRO E 125 -19.03 34.87 -1.11
C PRO E 125 -20.56 34.73 -1.18
N SER E 126 -21.22 35.09 -0.10
CA SER E 126 -22.68 35.05 -0.01
C SER E 126 -23.22 36.02 1.05
N ASN E 127 -24.51 35.94 1.33
CA ASN E 127 -25.15 36.80 2.34
C ASN E 127 -24.97 36.29 3.76
N SER E 128 -24.52 35.05 3.89
CA SER E 128 -24.14 34.50 5.18
C SER E 128 -22.87 35.17 5.66
N LYS E 129 -22.63 35.10 6.97
CA LYS E 129 -21.45 35.73 7.58
C LYS E 129 -20.16 35.18 6.96
N LYS E 130 -19.26 36.09 6.61
CA LYS E 130 -17.95 35.72 6.07
C LYS E 130 -16.99 35.47 7.22
N TYR E 131 -16.38 34.29 7.23
CA TYR E 131 -15.44 33.92 8.28
C TYR E 131 -13.98 33.94 7.81
N ALA E 132 -13.07 34.20 8.74
CA ALA E 132 -11.66 34.40 8.43
C ALA E 132 -10.88 33.10 8.15
N ARG E 133 -11.45 31.95 8.52
CA ARG E 133 -10.72 30.69 8.41
C ARG E 133 -10.28 30.29 7.00
N ASP E 134 -10.83 30.95 5.99
CA ASP E 134 -10.41 30.74 4.60
C ASP E 134 -9.12 31.50 4.24
N ILE E 135 -8.52 32.16 5.22
CA ILE E 135 -7.24 32.85 5.05
C ILE E 135 -6.13 32.16 5.82
N VAL E 136 -4.98 32.00 5.16
CA VAL E 136 -3.74 31.58 5.81
C VAL E 136 -2.70 32.69 5.60
N TYR E 137 -2.19 33.23 6.71
CA TYR E 137 -1.12 34.23 6.64
C TYR E 137 0.26 33.60 6.79
N GLY E 138 1.23 34.18 6.09
CA GLY E 138 2.62 33.75 6.17
C GLY E 138 3.56 34.89 5.84
N THR E 139 4.81 34.76 6.28
CA THR E 139 5.82 35.77 6.00
C THR E 139 7.01 35.15 5.25
N ILE E 140 7.29 35.69 4.06
CA ILE E 140 8.45 35.29 3.28
C ILE E 140 9.50 36.40 3.24
N TYR E 141 10.68 36.09 2.73
CA TYR E 141 11.78 37.03 2.80
C TYR E 141 12.44 37.25 1.44
N LEU E 142 12.60 38.52 1.09
CA LEU E 142 13.11 38.91 -0.22
C LEU E 142 14.63 38.79 -0.26
N GLY E 143 15.12 38.03 -1.22
CA GLY E 143 16.56 37.78 -1.38
C GLY E 143 17.15 36.95 -0.26
N GLY E 144 16.28 36.34 0.53
CA GLY E 144 16.70 35.53 1.66
C GLY E 144 17.20 36.34 2.83
N LYS E 145 17.02 37.66 2.77
CA LYS E 145 17.47 38.54 3.84
C LYS E 145 16.44 38.58 4.98
N PRO E 146 16.89 38.34 6.22
CA PRO E 146 16.01 38.27 7.38
C PRO E 146 15.35 39.61 7.73
N ASP E 147 15.98 40.71 7.31
CA ASP E 147 15.44 42.04 7.55
C ASP E 147 14.55 42.54 6.39
N GLN E 148 14.19 41.63 5.50
CA GLN E 148 13.36 41.98 4.35
C GLN E 148 12.06 41.15 4.24
N PRO E 149 11.17 41.25 5.25
CA PRO E 149 9.94 40.46 5.20
C PRO E 149 8.88 41.03 4.27
N ALA E 150 8.07 40.13 3.71
CA ALA E 150 6.86 40.49 3.00
C ALA E 150 5.78 39.47 3.38
N VAL E 151 4.54 39.93 3.45
CA VAL E 151 3.43 39.08 3.84
C VAL E 151 2.82 38.38 2.63
N ILE E 152 2.71 37.06 2.72
CA ILE E 152 1.92 36.29 1.77
C ILE E 152 0.58 35.92 2.41
N LYS E 153 -0.49 36.43 1.82
CA LYS E 153 -1.84 36.17 2.29
C LYS E 153 -2.53 35.25 1.29
N THR E 154 -2.94 34.07 1.76
CA THR E 154 -3.58 33.07 0.90
C THR E 154 -5.05 32.89 1.27
N THR E 155 -5.93 33.13 0.30
CA THR E 155 -7.37 33.01 0.50
C THR E 155 -7.97 31.94 -0.41
N PHE E 156 -8.89 31.15 0.14
CA PHE E 156 -9.52 30.08 -0.62
C PHE E 156 -10.98 30.41 -0.94
N ASN E 157 -11.35 30.18 -2.21
CA ASN E 157 -12.73 30.28 -2.67
C ASN E 157 -13.44 31.62 -2.36
N GLN E 158 -12.81 32.71 -2.76
CA GLN E 158 -13.39 34.05 -2.57
C GLN E 158 -13.47 34.84 -3.88
N GLU E 159 -13.14 34.17 -4.97
CA GLU E 159 -13.23 34.77 -6.30
C GLU E 159 -14.52 34.37 -7.01
N THR E 160 -14.97 35.22 -7.93
CA THR E 160 -16.15 34.95 -8.74
C THR E 160 -15.77 34.55 -10.17
N GLY E 161 -16.68 33.86 -10.84
CA GLY E 161 -16.43 33.36 -12.20
C GLY E 161 -15.64 32.06 -12.22
N CYS E 162 -15.75 31.30 -11.13
CA CYS E 162 -15.07 30.03 -10.97
C CYS E 162 -15.79 29.16 -9.94
N GLU E 163 -15.43 27.88 -9.87
CA GLU E 163 -15.98 26.99 -8.86
C GLU E 163 -15.10 26.94 -7.61
N TYR E 164 -13.79 27.01 -7.80
CA TYR E 164 -12.81 27.05 -6.71
C TYR E 164 -11.73 28.09 -7.03
N SER E 165 -11.08 28.62 -6.00
CA SER E 165 -9.98 29.55 -6.20
C SER E 165 -8.95 29.55 -5.06
N ILE E 166 -7.68 29.73 -5.44
CA ILE E 166 -6.59 29.98 -4.50
C ILE E 166 -5.90 31.27 -4.93
N THR E 167 -5.93 32.28 -4.05
CA THR E 167 -5.28 33.55 -4.36
C THR E 167 -4.14 33.87 -3.41
N PHE E 168 -3.05 34.38 -3.95
CA PHE E 168 -1.91 34.82 -3.17
C PHE E 168 -1.78 36.34 -3.24
N ASN E 169 -1.95 37.00 -2.09
CA ASN E 169 -1.68 38.42 -1.99
C ASN E 169 -0.31 38.64 -1.35
N PHE E 170 0.56 39.31 -2.10
CA PHE E 170 1.88 39.69 -1.61
C PHE E 170 1.87 41.17 -1.25
N SER E 171 2.18 41.47 0.00
CA SER E 171 2.27 42.86 0.46
C SER E 171 3.42 43.05 1.44
N TRP E 172 3.85 44.31 1.57
CA TRP E 172 4.90 44.67 2.51
C TRP E 172 4.66 46.09 3.02
N SER E 173 5.20 46.39 4.20
CA SER E 173 5.03 47.71 4.82
C SER E 173 6.33 48.52 4.86
N LYS E 174 7.46 47.85 4.72
CA LYS E 174 8.77 48.50 4.74
C LYS E 174 9.07 49.23 3.44
N THR E 175 9.79 50.35 3.57
CA THR E 175 10.23 51.14 2.43
C THR E 175 11.49 50.51 1.85
N TYR E 176 11.33 49.62 0.88
CA TYR E 176 12.46 48.97 0.23
C TYR E 176 13.03 49.82 -0.90
N GLU E 177 14.35 49.88 -0.98
CA GLU E 177 15.03 50.64 -2.01
C GLU E 177 15.91 49.71 -2.86
N ASN E 178 15.48 49.52 -4.11
CA ASN E 178 16.18 48.64 -5.07
C ASN E 178 16.36 47.21 -4.58
N VAL E 179 15.23 46.54 -4.35
CA VAL E 179 15.22 45.17 -3.83
C VAL E 179 14.50 44.25 -4.80
N GLU E 180 15.24 43.27 -5.32
CA GLU E 180 14.72 42.28 -6.25
C GLU E 180 13.67 41.41 -5.56
N PHE E 181 12.48 41.35 -6.14
CA PHE E 181 11.38 40.58 -5.55
C PHE E 181 11.44 39.09 -5.93
N GLU E 182 12.28 38.36 -5.21
CA GLU E 182 12.33 36.90 -5.28
C GLU E 182 12.46 36.36 -3.86
N THR E 183 11.70 35.32 -3.54
CA THR E 183 11.37 35.01 -2.15
C THR E 183 11.87 33.67 -1.62
N THR E 184 11.91 33.59 -0.29
CA THR E 184 12.05 32.32 0.41
C THR E 184 10.75 31.53 0.26
N SER E 185 10.74 30.29 0.76
CA SER E 185 9.60 29.40 0.60
C SER E 185 8.71 29.36 1.83
N PHE E 186 7.40 29.22 1.59
CA PHE E 186 6.42 29.09 2.66
C PHE E 186 5.57 27.82 2.49
N THR E 187 5.35 27.14 3.61
CA THR E 187 4.55 25.92 3.65
C THR E 187 3.24 26.13 4.43
N PHE E 188 2.14 25.65 3.87
CA PHE E 188 0.84 25.64 4.54
C PHE E 188 0.00 24.43 4.12
N SER E 189 -1.21 24.33 4.66
CA SER E 189 -2.16 23.31 4.25
C SER E 189 -3.59 23.86 4.24
N TYR E 190 -4.47 23.17 3.53
CA TYR E 190 -5.90 23.49 3.53
C TYR E 190 -6.74 22.23 3.37
N ILE E 191 -7.98 22.29 3.86
CA ILE E 191 -8.91 21.17 3.79
C ILE E 191 -9.36 20.92 2.35
N ALA E 192 -9.17 19.68 1.89
CA ALA E 192 -9.53 19.30 0.53
C ALA E 192 -11.03 19.07 0.38
N GLN E 193 -11.53 19.29 -0.83
CA GLN E 193 -12.95 19.12 -1.15
C GLN E 193 -13.39 17.65 -0.98
N GLU E 194 -12.55 16.72 -1.44
CA GLU E 194 -12.77 15.29 -1.21
C GLU E 194 -11.43 14.55 -1.12
N ASP F 11 7.83 4.23 9.03
CA ASP F 11 8.72 3.06 8.79
C ASP F 11 9.72 3.37 7.65
N THR F 12 9.38 2.96 6.43
CA THR F 12 10.19 3.27 5.25
C THR F 12 9.88 4.68 4.73
N ARG F 13 8.80 5.26 5.22
CA ARG F 13 8.37 6.60 4.83
C ARG F 13 8.83 7.67 5.84
N THR F 14 9.79 7.31 6.69
CA THR F 14 10.25 8.19 7.77
C THR F 14 11.75 8.06 8.07
N LEU F 15 12.48 9.16 7.88
CA LEU F 15 13.84 9.30 8.38
C LEU F 15 13.82 10.22 9.60
N TRP F 16 14.47 9.78 10.68
CA TRP F 16 14.47 10.58 11.92
C TRP F 16 15.68 10.34 12.84
N THR F 17 15.73 11.10 13.92
CA THR F 17 16.81 11.04 14.89
C THR F 17 16.41 10.26 16.14
N THR F 18 15.25 9.60 16.07
CA THR F 18 14.53 9.07 17.24
C THR F 18 14.03 10.21 18.14
N PRO F 19 12.90 10.00 18.84
CA PRO F 19 12.34 11.09 19.64
C PRO F 19 12.87 11.16 21.08
N ASP F 20 13.97 10.48 21.37
CA ASP F 20 14.55 10.49 22.72
C ASP F 20 15.33 11.78 22.99
N THR F 21 15.96 11.87 24.18
CA THR F 21 16.71 13.06 24.58
C THR F 21 18.23 12.83 24.63
N SER F 22 18.69 11.74 24.03
CA SER F 22 20.12 11.41 24.00
C SER F 22 20.86 12.24 22.95
N PRO F 23 21.84 13.07 23.40
CA PRO F 23 22.62 13.94 22.53
C PRO F 23 23.17 13.20 21.31
N ASN F 24 23.04 13.82 20.14
CA ASN F 24 23.44 13.22 18.87
C ASN F 24 24.13 14.22 17.95
N CYS F 25 24.25 15.46 18.40
CA CYS F 25 24.72 16.55 17.57
C CYS F 25 25.93 17.26 18.17
N THR F 26 26.88 17.62 17.31
CA THR F 26 28.10 18.31 17.72
C THR F 26 28.14 19.71 17.11
N ILE F 27 27.90 20.72 17.95
CA ILE F 27 27.93 22.11 17.50
C ILE F 27 29.30 22.74 17.76
N ALA F 28 29.78 22.64 18.99
CA ALA F 28 31.06 23.19 19.39
C ALA F 28 31.99 22.12 19.96
N GLN F 29 31.44 21.28 20.85
CA GLN F 29 32.15 20.13 21.39
C GLN F 29 31.34 18.85 21.16
N ASP F 30 31.99 17.70 21.24
CA ASP F 30 31.36 16.41 20.95
C ASP F 30 30.06 16.20 21.72
N LYS F 31 29.00 15.89 20.97
CA LYS F 31 27.66 15.58 21.51
C LYS F 31 27.17 16.60 22.55
N ASP F 32 27.24 17.87 22.19
CA ASP F 32 26.80 18.96 23.08
C ASP F 32 25.30 19.28 22.95
N SER F 33 24.62 18.56 22.06
CA SER F 33 23.23 18.88 21.75
C SER F 33 22.41 17.71 21.19
N LYS F 34 21.11 17.76 21.44
CA LYS F 34 20.15 16.85 20.82
C LYS F 34 19.40 17.58 19.71
N LEU F 35 19.61 17.12 18.47
CA LEU F 35 18.82 17.59 17.34
C LEU F 35 17.70 16.59 17.11
N THR F 36 16.46 17.04 17.29
CA THR F 36 15.30 16.21 17.03
C THR F 36 14.71 16.59 15.68
N LEU F 37 15.02 15.78 14.66
CA LEU F 37 14.53 16.01 13.31
C LEU F 37 13.79 14.79 12.77
N VAL F 38 12.58 15.01 12.27
CA VAL F 38 11.75 13.96 11.68
C VAL F 38 11.39 14.34 10.25
N LEU F 39 11.79 13.50 9.31
CA LEU F 39 11.48 13.72 7.89
C LEU F 39 10.52 12.64 7.40
N THR F 40 9.28 13.05 7.11
CA THR F 40 8.24 12.11 6.67
C THR F 40 7.89 12.35 5.21
N LYS F 41 8.02 11.29 4.41
CA LYS F 41 7.81 11.39 2.97
C LYS F 41 6.34 11.32 2.60
N CYS F 42 5.82 12.45 2.11
CA CYS F 42 4.47 12.54 1.59
C CYS F 42 4.57 12.83 0.10
N GLY F 43 4.76 11.77 -0.68
CA GLY F 43 4.92 11.89 -2.12
C GLY F 43 6.18 12.63 -2.48
N SER F 44 6.02 13.77 -3.15
CA SER F 44 7.15 14.57 -3.62
C SER F 44 7.45 15.76 -2.71
N GLN F 45 6.74 15.85 -1.59
CA GLN F 45 7.07 16.80 -0.54
C GLN F 45 7.48 16.04 0.72
N ILE F 46 8.46 16.59 1.42
CA ILE F 46 8.89 16.03 2.70
C ILE F 46 8.38 16.92 3.81
N LEU F 47 7.61 16.35 4.73
CA LEU F 47 7.14 17.07 5.90
C LEU F 47 8.20 16.96 7.00
N ALA F 48 8.69 18.11 7.44
CA ALA F 48 9.80 18.16 8.37
C ALA F 48 9.40 18.84 9.67
N ASN F 49 9.79 18.22 10.78
CA ASN F 49 9.56 18.75 12.11
C ASN F 49 10.89 18.76 12.87
N VAL F 50 11.20 19.90 13.49
CA VAL F 50 12.52 20.10 14.09
C VAL F 50 12.51 20.90 15.40
N SER F 51 13.34 20.47 16.34
CA SER F 51 13.61 21.18 17.58
C SER F 51 15.07 20.96 17.98
N LEU F 52 15.53 21.69 18.99
CA LEU F 52 16.90 21.57 19.46
C LEU F 52 17.00 21.73 20.98
N ILE F 53 17.80 20.86 21.59
CA ILE F 53 18.17 20.99 22.99
C ILE F 53 19.70 20.95 23.08
N VAL F 54 20.31 22.05 23.51
CA VAL F 54 21.74 22.09 23.77
C VAL F 54 21.96 21.80 25.26
N VAL F 55 22.84 20.85 25.56
CA VAL F 55 23.05 20.39 26.93
C VAL F 55 24.38 20.86 27.55
N ALA F 56 25.38 21.13 26.71
CA ALA F 56 26.70 21.53 27.17
C ALA F 56 27.43 22.44 26.19
N GLY F 57 28.52 23.04 26.66
CA GLY F 57 29.42 23.79 25.80
C GLY F 57 29.09 25.26 25.60
N LYS F 58 29.65 25.83 24.54
CA LYS F 58 29.56 27.25 24.21
C LYS F 58 28.13 27.78 24.10
N TYR F 59 27.23 26.95 23.57
CA TYR F 59 25.87 27.39 23.26
C TYR F 59 24.79 26.80 24.18
N HIS F 60 25.21 26.34 25.36
CA HIS F 60 24.29 25.77 26.33
C HIS F 60 23.49 26.86 27.06
N ILE F 61 24.18 27.68 27.83
CA ILE F 61 23.56 28.78 28.58
C ILE F 61 23.99 30.11 27.93
N ILE F 62 23.07 30.71 27.19
CA ILE F 62 23.37 31.94 26.45
C ILE F 62 23.37 33.16 27.34
N ASN F 63 24.50 33.88 27.35
CA ASN F 63 24.62 35.15 28.04
C ASN F 63 25.27 36.20 27.15
N ASN F 64 24.46 37.12 26.64
CA ASN F 64 24.93 38.18 25.75
C ASN F 64 25.47 39.40 26.51
N LYS F 65 25.20 39.46 27.82
CA LYS F 65 25.78 40.48 28.69
C LYS F 65 27.26 40.19 28.92
N THR F 66 27.58 38.90 29.07
CA THR F 66 28.97 38.45 29.20
C THR F 66 29.62 38.34 27.82
N ASN F 67 28.92 37.71 26.88
CA ASN F 67 29.44 37.49 25.53
C ASN F 67 28.54 38.08 24.44
N PRO F 68 28.81 39.34 24.04
CA PRO F 68 27.96 40.05 23.07
C PRO F 68 28.02 39.48 21.65
N LYS F 69 29.12 38.83 21.31
CA LYS F 69 29.35 38.33 19.94
C LYS F 69 28.75 36.94 19.65
N ILE F 70 28.40 36.22 20.71
CA ILE F 70 27.75 34.90 20.56
C ILE F 70 26.26 35.11 20.26
N LYS F 71 25.93 35.12 18.96
CA LYS F 71 24.59 35.44 18.49
C LYS F 71 23.98 34.42 17.52
N SER F 72 24.81 33.48 17.05
CA SER F 72 24.37 32.48 16.07
C SER F 72 25.28 31.26 15.98
N PHE F 73 24.70 30.15 15.53
CA PHE F 73 25.43 28.91 15.22
C PHE F 73 24.68 28.09 14.17
N THR F 74 25.38 27.14 13.55
CA THR F 74 24.81 26.37 12.45
C THR F 74 25.02 24.87 12.59
N ILE F 75 23.95 24.11 12.41
CA ILE F 75 23.99 22.64 12.38
C ILE F 75 23.77 22.19 10.94
N LYS F 76 24.74 21.44 10.42
CA LYS F 76 24.73 21.02 9.02
C LYS F 76 24.52 19.52 8.86
N LEU F 77 23.68 19.13 7.91
CA LEU F 77 23.52 17.73 7.53
C LEU F 77 23.95 17.56 6.08
N LEU F 78 25.00 16.78 5.86
CA LEU F 78 25.56 16.62 4.52
C LEU F 78 25.32 15.21 3.99
N PHE F 79 24.92 15.12 2.72
CA PHE F 79 24.54 13.84 2.12
C PHE F 79 25.27 13.58 0.80
N ASN F 80 25.51 12.30 0.51
CA ASN F 80 26.12 11.89 -0.76
C ASN F 80 25.08 11.65 -1.86
N LYS F 81 25.54 11.11 -2.99
CA LYS F 81 24.68 10.78 -4.13
C LYS F 81 23.46 9.92 -3.75
N ASN F 82 23.66 9.01 -2.81
CA ASN F 82 22.59 8.11 -2.37
C ASN F 82 21.80 8.63 -1.17
N GLY F 83 22.07 9.87 -0.77
CA GLY F 83 21.38 10.51 0.35
C GLY F 83 21.81 9.99 1.72
N VAL F 84 23.02 9.44 1.79
CA VAL F 84 23.57 8.92 3.03
C VAL F 84 24.31 10.04 3.76
N LEU F 85 24.08 10.15 5.07
CA LEU F 85 24.71 11.18 5.90
C LEU F 85 26.24 11.00 5.96
N LEU F 86 26.95 12.10 5.73
CA LEU F 86 28.42 12.11 5.84
C LEU F 86 28.81 12.35 7.31
N ASP F 87 29.91 11.73 7.74
CA ASP F 87 30.39 11.89 9.12
C ASP F 87 30.91 13.31 9.37
N ASN F 88 31.04 14.07 8.29
CA ASN F 88 31.44 15.46 8.32
C ASN F 88 30.33 16.36 8.91
N SER F 89 29.09 15.84 8.93
CA SER F 89 27.94 16.56 9.46
C SER F 89 28.02 16.78 10.97
N ASN F 90 27.31 17.79 11.45
CA ASN F 90 27.20 18.06 12.88
C ASN F 90 26.41 16.98 13.62
N LEU F 91 25.41 16.43 12.95
CA LEU F 91 24.61 15.32 13.49
C LEU F 91 25.34 13.99 13.30
N GLY F 92 25.40 13.20 14.37
CA GLY F 92 26.04 11.88 14.35
C GLY F 92 25.32 10.88 13.47
N LYS F 93 26.08 9.97 12.86
CA LYS F 93 25.54 8.97 11.95
C LYS F 93 24.82 7.82 12.66
N ALA F 94 25.18 7.57 13.91
CA ALA F 94 24.75 6.38 14.65
C ALA F 94 23.23 6.24 14.84
N TYR F 95 22.55 7.36 15.07
CA TYR F 95 21.12 7.33 15.40
C TYR F 95 20.26 8.09 14.37
N TRP F 96 20.82 8.34 13.19
CA TRP F 96 20.08 8.88 12.06
C TRP F 96 19.79 7.76 11.07
N ASN F 97 18.54 7.30 11.05
CA ASN F 97 18.13 6.11 10.30
C ASN F 97 16.62 6.08 10.11
N PHE F 98 16.13 5.07 9.37
CA PHE F 98 14.70 4.87 9.19
C PHE F 98 14.02 4.42 10.48
N ARG F 99 12.77 4.84 10.66
CA ARG F 99 12.00 4.55 11.87
C ARG F 99 11.69 3.06 12.03
N SER F 100 11.79 2.58 13.27
CA SER F 100 11.27 1.28 13.66
C SER F 100 10.71 1.39 15.08
N GLY F 101 9.40 1.62 15.17
CA GLY F 101 8.74 1.88 16.45
C GLY F 101 9.10 3.25 16.97
N ASN F 102 9.63 3.30 18.19
CA ASN F 102 10.18 4.54 18.75
C ASN F 102 11.71 4.59 18.61
N SER F 103 12.24 3.65 17.82
CA SER F 103 13.68 3.54 17.61
C SER F 103 14.03 3.49 16.13
N ASN F 104 15.19 2.93 15.81
CA ASN F 104 15.66 2.82 14.44
C ASN F 104 15.81 1.38 13.96
N VAL F 105 15.90 1.21 12.64
CA VAL F 105 16.19 -0.09 12.02
C VAL F 105 17.64 -0.48 12.33
N SER F 106 17.86 -1.77 12.55
CA SER F 106 19.17 -2.30 12.95
C SER F 106 20.31 -1.98 11.97
N THR F 107 20.01 -2.08 10.68
CA THR F 107 21.02 -1.85 9.63
C THR F 107 20.95 -0.42 9.11
N ALA F 108 22.12 0.21 9.02
CA ALA F 108 22.24 1.57 8.47
C ALA F 108 21.83 1.59 7.00
N TYR F 109 21.00 2.56 6.64
CA TYR F 109 20.42 2.63 5.29
C TYR F 109 21.46 2.94 4.21
N GLU F 110 21.12 2.57 2.98
CA GLU F 110 22.02 2.73 1.84
C GLU F 110 21.51 3.75 0.83
N LYS F 111 20.19 3.94 0.81
CA LYS F 111 19.56 4.90 -0.10
C LYS F 111 18.38 5.65 0.55
N ALA F 112 18.37 6.96 0.36
CA ALA F 112 17.28 7.83 0.82
C ALA F 112 17.10 9.04 -0.09
N ILE F 113 17.26 8.80 -1.40
CA ILE F 113 17.18 9.86 -2.42
C ILE F 113 15.79 10.52 -2.45
N GLY F 114 14.76 9.75 -2.12
CA GLY F 114 13.40 10.28 -2.01
C GLY F 114 13.21 11.25 -0.86
N PHE F 115 14.17 11.30 0.05
CA PHE F 115 14.13 12.21 1.19
C PHE F 115 15.04 13.43 1.00
N MET F 116 15.71 13.48 -0.16
CA MET F 116 16.65 14.55 -0.46
C MET F 116 15.96 15.75 -1.11
N PRO F 117 16.49 16.97 -0.85
CA PRO F 117 15.92 18.18 -1.46
C PRO F 117 16.10 18.20 -2.98
N ASN F 118 15.01 18.47 -3.69
CA ASN F 118 15.00 18.54 -5.15
C ASN F 118 16.08 19.47 -5.72
N LEU F 119 16.89 18.91 -6.62
CA LEU F 119 18.04 19.63 -7.18
C LEU F 119 17.66 20.71 -8.19
N VAL F 120 16.52 20.54 -8.84
CA VAL F 120 16.00 21.56 -9.76
C VAL F 120 15.48 22.74 -8.94
N ALA F 121 14.66 22.43 -7.94
CA ALA F 121 14.10 23.44 -7.04
C ALA F 121 15.18 24.15 -6.24
N TYR F 122 16.15 23.37 -5.75
CA TYR F 122 17.23 23.91 -4.92
C TYR F 122 18.58 23.45 -5.45
N PRO F 123 19.13 24.17 -6.45
CA PRO F 123 20.39 23.79 -7.09
C PRO F 123 21.61 23.90 -6.19
N LYS F 124 22.60 23.05 -6.44
CA LYS F 124 23.91 23.15 -5.78
C LYS F 124 24.60 24.45 -6.17
N PRO F 125 25.55 24.94 -5.35
CA PRO F 125 26.29 26.16 -5.68
C PRO F 125 26.87 26.15 -7.10
N SER F 126 26.63 27.23 -7.85
CA SER F 126 27.09 27.36 -9.23
C SER F 126 27.22 28.81 -9.67
N ASN F 127 27.57 29.01 -10.95
CA ASN F 127 27.74 30.35 -11.52
C ASN F 127 26.44 31.06 -11.88
N SER F 128 25.37 30.27 -12.08
CA SER F 128 24.06 30.82 -12.39
C SER F 128 23.44 31.55 -11.19
N LYS F 129 22.38 32.32 -11.44
CA LYS F 129 21.73 33.13 -10.42
C LYS F 129 21.21 32.30 -9.25
N LYS F 130 21.61 32.69 -8.04
CA LYS F 130 21.19 32.01 -6.81
C LYS F 130 19.86 32.59 -6.32
N TYR F 131 18.86 31.72 -6.23
CA TYR F 131 17.53 32.12 -5.76
C TYR F 131 17.26 31.77 -4.31
N ALA F 132 16.47 32.60 -3.63
CA ALA F 132 16.19 32.46 -2.20
C ALA F 132 15.21 31.34 -1.83
N ARG F 133 14.56 30.75 -2.84
CA ARG F 133 13.55 29.72 -2.60
C ARG F 133 14.11 28.42 -2.01
N ASP F 134 15.43 28.33 -1.91
CA ASP F 134 16.08 27.23 -1.20
C ASP F 134 16.22 27.48 0.31
N ILE F 135 15.56 28.54 0.79
CA ILE F 135 15.57 28.91 2.20
C ILE F 135 14.15 28.86 2.79
N VAL F 136 14.06 28.34 4.01
CA VAL F 136 12.82 28.42 4.80
C VAL F 136 13.13 29.15 6.10
N TYR F 137 12.34 30.18 6.41
CA TYR F 137 12.46 30.89 7.68
C TYR F 137 11.35 30.50 8.65
N GLY F 138 11.74 30.33 9.91
CA GLY F 138 10.80 30.07 10.99
C GLY F 138 11.28 30.70 12.29
N THR F 139 10.37 30.81 13.25
CA THR F 139 10.73 31.30 14.58
C THR F 139 10.42 30.26 15.64
N ILE F 140 11.44 29.87 16.40
CA ILE F 140 11.28 29.01 17.58
C ILE F 140 11.52 29.81 18.86
N TYR F 141 11.17 29.22 20.00
CA TYR F 141 11.18 29.95 21.26
C TYR F 141 11.92 29.21 22.37
N LEU F 142 12.89 29.90 22.96
CA LEU F 142 13.78 29.30 23.96
C LEU F 142 13.06 29.14 25.30
N GLY F 143 13.14 27.92 25.84
CA GLY F 143 12.45 27.59 27.08
C GLY F 143 10.94 27.67 26.99
N GLY F 144 10.43 27.70 25.76
CA GLY F 144 8.99 27.78 25.50
C GLY F 144 8.36 29.10 25.92
N LYS F 145 9.20 30.10 26.19
CA LYS F 145 8.72 31.42 26.61
C LYS F 145 8.50 32.29 25.37
N PRO F 146 7.28 32.86 25.23
CA PRO F 146 6.88 33.64 24.05
C PRO F 146 7.73 34.87 23.80
N ASP F 147 8.36 35.40 24.86
CA ASP F 147 9.20 36.58 24.74
C ASP F 147 10.69 36.26 24.54
N GLN F 148 10.99 35.02 24.17
CA GLN F 148 12.37 34.61 23.90
C GLN F 148 12.57 33.97 22.51
N PRO F 149 12.24 34.72 21.42
CA PRO F 149 12.34 34.16 20.07
C PRO F 149 13.77 34.01 19.55
N ALA F 150 13.99 32.98 18.73
CA ALA F 150 15.24 32.80 17.99
C ALA F 150 14.92 32.30 16.58
N VAL F 151 15.63 32.82 15.59
CA VAL F 151 15.35 32.53 14.20
C VAL F 151 16.03 31.24 13.73
N ILE F 152 15.23 30.29 13.25
CA ILE F 152 15.74 29.10 12.57
C ILE F 152 15.69 29.28 11.04
N LYS F 153 16.87 29.35 10.43
CA LYS F 153 17.01 29.49 8.98
C LYS F 153 17.43 28.15 8.38
N THR F 154 16.56 27.57 7.59
CA THR F 154 16.83 26.29 6.93
C THR F 154 17.18 26.54 5.46
N THR F 155 18.27 25.94 5.01
CA THR F 155 18.76 26.12 3.64
C THR F 155 19.03 24.76 2.98
N PHE F 156 18.67 24.63 1.71
CA PHE F 156 18.79 23.36 1.00
C PHE F 156 19.84 23.39 -0.10
N ASN F 157 20.71 22.38 -0.09
CA ASN F 157 21.75 22.17 -1.11
C ASN F 157 22.62 23.41 -1.39
N GLN F 158 23.12 24.02 -0.33
CA GLN F 158 23.97 25.20 -0.46
C GLN F 158 25.35 25.05 0.18
N GLU F 159 25.60 23.87 0.73
CA GLU F 159 26.93 23.51 1.20
C GLU F 159 27.69 22.85 0.07
N THR F 160 29.00 23.13 0.00
CA THR F 160 29.88 22.45 -0.93
C THR F 160 30.41 21.17 -0.27
N GLY F 161 31.12 20.36 -1.06
CA GLY F 161 31.70 19.10 -0.55
C GLY F 161 30.67 18.02 -0.26
N CYS F 162 29.62 17.98 -1.08
CA CYS F 162 28.52 17.00 -0.94
C CYS F 162 27.57 17.10 -2.13
N GLU F 163 26.63 16.16 -2.22
CA GLU F 163 25.55 16.23 -3.20
C GLU F 163 24.36 17.02 -2.67
N TYR F 164 23.91 16.68 -1.47
CA TYR F 164 22.77 17.32 -0.83
C TYR F 164 23.15 17.84 0.54
N SER F 165 22.42 18.86 1.01
CA SER F 165 22.62 19.39 2.35
C SER F 165 21.37 20.07 2.90
N ILE F 166 21.11 19.86 4.18
CA ILE F 166 20.11 20.61 4.92
C ILE F 166 20.82 21.26 6.10
N THR F 167 20.82 22.58 6.15
CA THR F 167 21.49 23.31 7.22
C THR F 167 20.52 24.12 8.09
N PHE F 168 20.71 24.05 9.40
CA PHE F 168 19.90 24.80 10.35
C PHE F 168 20.72 25.88 11.05
N ASN F 169 20.53 27.13 10.62
CA ASN F 169 21.15 28.27 11.27
C ASN F 169 20.26 28.84 12.37
N PHE F 170 20.76 28.80 13.60
CA PHE F 170 20.07 29.38 14.75
C PHE F 170 20.68 30.73 15.09
N SER F 171 19.88 31.78 15.06
CA SER F 171 20.34 33.12 15.41
C SER F 171 19.29 33.87 16.23
N TRP F 172 19.75 34.85 17.00
CA TRP F 172 18.87 35.69 17.82
C TRP F 172 19.39 37.13 17.88
N SER F 173 18.48 38.07 18.09
CA SER F 173 18.80 39.50 18.08
C SER F 173 18.56 40.18 19.43
N LYS F 174 17.93 39.45 20.35
CA LYS F 174 17.67 39.97 21.70
C LYS F 174 18.79 39.59 22.66
N THR F 175 19.11 40.50 23.57
CA THR F 175 20.18 40.30 24.54
C THR F 175 19.70 39.40 25.69
N TYR F 176 19.95 38.10 25.55
CA TYR F 176 19.55 37.13 26.57
C TYR F 176 20.62 36.98 27.65
N GLU F 177 20.17 36.89 28.90
CA GLU F 177 21.06 36.72 30.03
C GLU F 177 20.74 35.44 30.79
N ASN F 178 21.65 34.47 30.68
CA ASN F 178 21.53 33.16 31.33
C ASN F 178 20.29 32.37 30.90
N VAL F 179 20.10 32.25 29.60
CA VAL F 179 18.98 31.51 29.03
C VAL F 179 19.47 30.20 28.41
N GLU F 180 18.90 29.09 28.89
CA GLU F 180 19.24 27.76 28.38
C GLU F 180 18.71 27.57 26.97
N PHE F 181 19.57 27.09 26.07
CA PHE F 181 19.19 26.94 24.66
C PHE F 181 18.53 25.59 24.38
N GLU F 182 17.24 25.51 24.68
CA GLU F 182 16.40 24.40 24.28
C GLU F 182 15.07 24.94 23.77
N THR F 183 14.63 24.44 22.62
CA THR F 183 13.63 25.14 21.80
C THR F 183 12.28 24.43 21.67
N THR F 184 11.28 25.21 21.26
CA THR F 184 10.01 24.66 20.80
C THR F 184 10.20 24.07 19.40
N SER F 185 9.18 23.38 18.90
CA SER F 185 9.27 22.71 17.60
C SER F 185 8.76 23.56 16.46
N PHE F 186 9.35 23.38 15.28
CA PHE F 186 8.92 24.05 14.06
C PHE F 186 8.69 23.04 12.95
N THR F 187 7.66 23.29 12.15
CA THR F 187 7.34 22.45 11.00
C THR F 187 7.49 23.21 9.69
N PHE F 188 8.06 22.54 8.70
CA PHE F 188 8.20 23.06 7.35
C PHE F 188 8.17 21.90 6.36
N SER F 189 8.26 22.21 5.08
CA SER F 189 8.32 21.20 4.03
C SER F 189 9.21 21.65 2.88
N TYR F 190 9.67 20.70 2.08
CA TYR F 190 10.46 20.99 0.89
C TYR F 190 10.20 19.97 -0.21
N ILE F 191 10.47 20.36 -1.45
CA ILE F 191 10.27 19.50 -2.60
C ILE F 191 11.33 18.39 -2.62
N ALA F 192 10.87 17.15 -2.82
CA ALA F 192 11.74 15.98 -2.80
C ALA F 192 12.37 15.70 -4.17
N GLN F 193 13.58 15.14 -4.15
CA GLN F 193 14.31 14.81 -5.38
C GLN F 193 13.54 13.82 -6.27
N GLU F 194 13.04 12.75 -5.66
CA GLU F 194 12.21 11.78 -6.36
C GLU F 194 11.15 11.20 -5.42
ZN ZN G . 23.99 -21.28 -8.29
C1 SIA H . 6.73 -9.32 0.03
C2 SIA H . 5.25 -9.48 0.31
C3 SIA H . 4.57 -10.29 -0.80
C4 SIA H . 4.89 -11.78 -0.71
C5 SIA H . 4.60 -12.32 0.69
C6 SIA H . 5.35 -11.48 1.73
C7 SIA H . 5.06 -11.92 3.15
C8 SIA H . 5.94 -11.19 4.18
C9 SIA H . 6.00 -11.94 5.50
C10 SIA H . 4.23 -14.77 0.63
C11 SIA H . 4.91 -16.09 0.79
N5 SIA H . 5.03 -13.71 0.78
O1A SIA H . 7.57 -9.58 0.92
O1B SIA H . 7.08 -8.89 -1.10
O2 SIA H . 4.67 -8.17 0.34
O4 SIA H . 4.12 -12.52 -1.66
O6 SIA H . 5.02 -10.09 1.59
O7 SIA H . 3.68 -11.68 3.47
O8 SIA H . 7.27 -11.00 3.67
O9 SIA H . 6.77 -13.14 5.33
O10 SIA H . 3.03 -14.68 0.37
ZN ZN I . -13.79 -22.44 17.34
C1 SIA J . -4.75 -7.67 2.77
C2 SIA J . -4.47 -7.64 1.28
C3 SIA J . -3.90 -8.98 0.80
C4 SIA J . -4.98 -10.06 0.68
C5 SIA J . -6.15 -9.55 -0.17
C6 SIA J . -6.68 -8.26 0.43
C7 SIA J . -7.85 -7.66 -0.36
C8 SIA J . -8.40 -6.41 0.32
C9 SIA J . -9.71 -5.95 -0.32
C10 SIA J . -7.36 -11.34 -1.34
C11 SIA J . -8.49 -12.31 -1.26
N5 SIA J . -7.18 -10.56 -0.26
O1A SIA J . -5.82 -7.19 3.21
O1B SIA J . -3.90 -8.19 3.52
O2 SIA J . -3.48 -6.62 1.04
O4 SIA J . -4.43 -11.25 0.10
O6 SIA J . -5.63 -7.27 0.52
O7 SIA J . -7.43 -7.34 -1.68
O8 SIA J . -8.59 -6.64 1.73
O9 SIA J . -10.80 -6.77 0.14
O10 SIA J . -6.64 -11.27 -2.33
ZN ZN K . -15.53 -5.55 -24.87
C1 SIA L . -0.55 -4.52 -8.13
C2 SIA L . 0.40 -5.43 -7.37
C3 SIA L . -0.31 -6.75 -7.03
C4 SIA L . -0.45 -7.64 -8.26
C5 SIA L . 0.92 -7.88 -8.89
C6 SIA L . 1.56 -6.53 -9.24
C7 SIA L . 2.96 -6.65 -9.85
C8 SIA L . 3.55 -5.27 -10.20
C9 SIA L . 4.79 -5.40 -11.08
C10 SIA L . 1.02 -10.02 -10.13
C11 SIA L . 0.85 -10.64 -11.48
N5 SIA L . 0.82 -8.71 -10.09
O1A SIA L . -0.15 -3.94 -9.16
O1B SIA L . -1.72 -4.36 -7.69
O2 SIA L . 0.74 -4.76 -6.15
O4 SIA L . -1.06 -8.88 -7.91
O6 SIA L . 1.61 -5.67 -8.09
O7 SIA L . 3.84 -7.34 -8.94
O8 SIA L . 2.57 -4.47 -10.86
O9 SIA L . 4.41 -5.70 -12.43
O10 SIA L . 1.33 -10.69 -9.16
ZN ZN M . -15.87 -2.76 19.65
ZN ZN N . -19.78 37.01 16.30
C1 SIA O . 1.22 44.06 13.87
C2 SIA O . 2.51 43.62 13.19
C3 SIA O . 2.71 42.10 13.35
C4 SIA O . 1.76 41.29 12.47
C5 SIA O . 1.86 41.74 11.02
C6 SIA O . 1.61 43.25 10.93
C7 SIA O . 1.71 43.83 9.52
C8 SIA O . 1.44 45.33 9.52
C9 SIA O . 1.40 45.92 8.11
C10 SIA O . 1.21 39.95 9.45
C11 SIA O . 0.07 39.40 8.65
N5 SIA O . 0.91 41.04 10.18
O1A SIA O . 0.41 44.79 13.25
O1B SIA O . 1.01 43.67 15.03
O2 SIA O . 3.59 44.31 13.81
O4 SIA O . 2.08 39.90 12.57
O6 SIA O . 2.53 43.96 11.79
O7 SIA O . 3.00 43.55 8.96
O8 SIA O . 0.21 45.59 10.20
O9 SIA O . 0.17 45.55 7.46
O10 SIA O . 2.32 39.44 9.42
ZN ZN P . 15.87 39.75 -11.39
C1 SIA Q . 12.56 42.93 10.73
C2 SIA Q . 12.10 42.08 11.91
C3 SIA Q . 10.96 41.15 11.49
C4 SIA Q . 11.45 39.95 10.67
C5 SIA Q . 12.61 39.24 11.36
C6 SIA Q . 13.70 40.25 11.70
C7 SIA Q . 14.91 39.65 12.40
C8 SIA Q . 15.97 40.72 12.67
C9 SIA Q . 17.33 40.10 12.96
C10 SIA Q . 12.93 36.90 10.74
C11 SIA Q . 13.60 35.96 9.78
N5 SIA Q . 13.16 38.19 10.52
O1A SIA Q . 13.79 43.10 10.51
O1B SIA Q . 11.69 43.45 10.00
O2 SIA Q . 11.63 42.97 12.93
O4 SIA Q . 10.38 39.01 10.46
O6 SIA Q . 13.17 41.32 12.50
O7 SIA Q . 14.53 39.02 13.62
O8 SIA Q . 16.07 41.61 11.54
O9 SIA Q . 18.16 41.07 13.61
O10 SIA Q . 12.23 36.48 11.66
ZN ZN R . 20.79 22.36 30.26
C1 SIA S . 8.86 39.45 21.60
C2 SIA S . 7.81 39.64 20.51
C3 SIA S . 8.04 38.67 19.34
C4 SIA S . 7.63 37.23 19.67
C5 SIA S . 6.21 37.18 20.22
C6 SIA S . 6.12 38.13 21.42
C7 SIA S . 4.75 38.16 22.09
C8 SIA S . 4.77 39.10 23.31
C9 SIA S . 3.48 39.02 24.11
C10 SIA S . 5.09 35.01 19.94
C11 SIA S . 4.91 33.66 20.56
N5 SIA S . 5.89 35.83 20.63
O1A SIA S . 8.53 39.63 22.79
O1B SIA S . 10.03 39.12 21.27
O2 SIA S . 7.89 40.98 20.03
O4 SIA S . 7.76 36.41 18.50
O6 SIA S . 6.48 39.46 21.03
O7 SIA S . 3.76 38.61 21.16
O8 SIA S . 5.88 38.77 24.16
O9 SIA S . 3.43 37.78 24.83
O10 SIA S . 4.56 35.32 18.90
#